data_4CEY
#
_entry.id   4CEY
#
_cell.length_a   600.360
_cell.length_b   600.360
_cell.length_c   600.360
_cell.angle_alpha   90.00
_cell.angle_beta   90.00
_cell.angle_gamma   90.00
#
_symmetry.space_group_name_H-M   'I 2 3'
#
loop_
_entity.id
_entity.type
_entity.pdbx_description
1 polymer VP1
2 polymer VP2
3 polymer VP3
4 polymer VP4
5 non-polymer 1-(2-aminopyridin-4-yl)-3-[(3S)-5-{4-[(E)-(ethoxyimino)methyl]phenoxy}-3-methylpentyl]imidazolidin-2-one
6 non-polymer 'SODIUM ION'
7 water water
#
loop_
_entity_poly.entity_id
_entity_poly.type
_entity_poly.pdbx_seq_one_letter_code
_entity_poly.pdbx_strand_id
1 'polypeptide(L)'
;GDRVADVIESSIGDSVSRALTHALPAPTGQNTQVSSHRLDTGKVPALQAAEIGASSNASDESMIETRCVLNSHSTAETTL
DSFFSRAGLVGEIDLPLEGTTNPNGYANWDIDITGYAQMRRKVELFTYMRFDAEFTFVACTPTGEVVPQLLQYMFVPPGA
PKPDSRESLAWQTATNPSVFVKLSDPPAQVSVPFMSPASAYQWFYDGYPTFGEHKQEKDLEYGACPNNMMGTFSVRTVGT
SKSKYPLVVRIYMRMKHVRAWIPRPMRNQNYLFKANPNYAGNSIKPTGASRTAITTL
;
A
2 'polypeptide(L)'
;SPSAEACGYSDRVAQLTIGNSTITTQEAANIIVGYGEWPSYCSDSDATAVDKPTRPDVSVNRFYTLDTKLWEKSSKGWYW
KFPDVLTETGVFGQNAQFHYLYRSGFCIHVQCNASKFHQGALLVAVLPEYVIGTVAGGTGTEDTHPPYKQTQPGADGFEL
QHPYVLDAGIPISQLTVCPHQWINLRTNNCATIIVPYINALPFDSALNHCNFGLLVVPISPLDYDQGATPVIPITITLAP
MCSEFAGLRQAVTQ
;
B
3 'polypeptide(L)'
;GFPTELKPGTNQFLTTDDGVSAPILPNFHPTPCIHIPGEVRNLLELCQVETILEVNNVPTNATSLMERLRFPVSAQAGKG
ELCAVFRADPGRNGPWQSTLLGQLCGYYTQWSGSLEVTFMFTGSFMATGKMLIAYTPPGGPLPKDRATAMLGTHVIWDFG
LQSSVTLVIPWISNTHYRAHARDGVFDYYTTGLVSIWYQTNYVVPIGAPNTAYIIALAAAQKNFTMKLCKDASDILQTGT
IQ
;
C
4 'polypeptide(L)' MGSQVSTQRSGSHENSNSATEGSTINYTTINYYKDSYAATAGKQSLKQDPDKFANPVKDIFTEMAAPLK D
#
# COMPACT_ATOMS: atom_id res chain seq x y z
N GLY A 1 -42.92 -10.00 16.18
CA GLY A 1 -43.55 -9.24 15.06
C GLY A 1 -43.20 -7.76 15.05
N ASP A 2 -43.30 -7.13 13.88
CA ASP A 2 -42.99 -5.71 13.69
C ASP A 2 -44.23 -4.93 13.22
N ARG A 3 -44.37 -3.67 13.66
CA ARG A 3 -45.54 -2.86 13.29
C ARG A 3 -45.27 -1.36 13.03
N VAL A 4 -44.39 -0.72 13.79
CA VAL A 4 -44.10 0.70 13.55
C VAL A 4 -43.34 0.81 12.23
N ALA A 5 -43.73 1.76 11.42
CA ALA A 5 -43.13 1.92 10.11
C ALA A 5 -41.60 2.05 10.02
N ASP A 6 -40.98 2.86 10.88
CA ASP A 6 -39.53 3.04 10.79
C ASP A 6 -38.73 1.76 10.94
N VAL A 7 -39.33 0.77 11.61
CA VAL A 7 -38.70 -0.54 11.82
C VAL A 7 -38.82 -1.41 10.58
N ILE A 8 -40.01 -1.42 9.99
CA ILE A 8 -40.29 -2.18 8.77
C ILE A 8 -39.43 -1.69 7.61
N GLU A 9 -39.25 -0.38 7.52
CA GLU A 9 -38.47 0.22 6.43
C GLU A 9 -37.00 0.49 6.71
N SER A 10 -36.44 0.01 7.82
CA SER A 10 -35.03 0.30 8.06
C SER A 10 -34.12 -0.68 7.33
N SER A 11 -32.86 -0.28 7.17
CA SER A 11 -31.86 -1.08 6.49
C SER A 11 -30.91 -1.75 7.50
N ILE A 12 -31.22 -1.58 8.79
CA ILE A 12 -30.42 -2.16 9.88
C ILE A 12 -30.34 -3.66 9.62
N GLY A 13 -29.13 -4.22 9.57
CA GLY A 13 -28.99 -5.65 9.35
C GLY A 13 -28.63 -6.13 7.95
N ASP A 14 -28.50 -5.20 7.01
CA ASP A 14 -28.14 -5.53 5.63
C ASP A 14 -26.65 -5.95 5.61
N SER A 15 -26.43 -7.25 5.34
CA SER A 15 -25.09 -7.84 5.32
C SER A 15 -24.47 -7.88 3.93
N VAL A 16 -25.26 -7.49 2.93
CA VAL A 16 -24.80 -7.47 1.55
C VAL A 16 -24.06 -6.17 1.31
N SER A 17 -22.74 -6.23 1.36
CA SER A 17 -21.95 -5.02 1.13
C SER A 17 -22.01 -4.65 -0.35
N ARG A 18 -22.68 -3.53 -0.65
CA ARG A 18 -22.80 -3.07 -2.03
C ARG A 18 -21.41 -2.71 -2.57
N ALA A 19 -21.10 -3.16 -3.78
CA ALA A 19 -19.80 -2.89 -4.41
C ALA A 19 -19.89 -2.00 -5.65
N LEU A 20 -19.16 -0.89 -5.68
CA LEU A 20 -19.19 0.03 -6.81
C LEU A 20 -18.38 -0.45 -8.01
N THR A 21 -17.59 -1.51 -7.83
CA THR A 21 -16.76 -1.99 -8.93
C THR A 21 -16.76 -3.52 -9.03
N HIS A 22 -16.37 -4.04 -10.19
CA HIS A 22 -16.29 -5.49 -10.39
C HIS A 22 -15.10 -5.81 -11.30
N ALA A 23 -14.51 -7.00 -11.12
CA ALA A 23 -13.36 -7.40 -11.90
C ALA A 23 -13.67 -7.86 -13.31
N LEU A 24 -12.72 -7.66 -14.22
CA LEU A 24 -12.88 -8.07 -15.60
C LEU A 24 -11.68 -8.86 -16.01
N PRO A 25 -11.87 -9.75 -16.99
CA PRO A 25 -10.75 -10.55 -17.46
C PRO A 25 -9.84 -9.61 -18.25
N ALA A 26 -8.54 -9.73 -18.06
CA ALA A 26 -7.58 -8.86 -18.73
C ALA A 26 -6.29 -9.64 -18.89
N PRO A 27 -6.31 -10.66 -19.75
CA PRO A 27 -5.14 -11.50 -19.99
C PRO A 27 -4.05 -10.80 -20.80
N THR A 28 -4.40 -9.72 -21.49
CA THR A 28 -3.42 -8.94 -22.26
C THR A 28 -3.57 -7.44 -22.05
N GLY A 29 -2.56 -6.69 -22.48
CA GLY A 29 -2.61 -5.26 -22.37
C GLY A 29 -3.68 -4.81 -23.33
N GLN A 30 -4.31 -3.69 -23.01
CA GLN A 30 -5.36 -3.17 -23.86
C GLN A 30 -4.84 -2.78 -25.23
N ASN A 31 -5.72 -2.84 -26.21
CA ASN A 31 -5.31 -2.49 -27.56
C ASN A 31 -5.49 -1.00 -27.75
N THR A 32 -4.99 -0.53 -28.88
CA THR A 32 -5.08 0.88 -29.22
C THR A 32 -5.99 0.97 -30.44
N GLN A 33 -6.93 1.91 -30.42
CA GLN A 33 -7.84 2.07 -31.54
C GLN A 33 -7.43 3.28 -32.37
N VAL A 34 -7.80 3.27 -33.65
CA VAL A 34 -7.49 4.39 -34.53
C VAL A 34 -8.21 5.60 -33.97
N SER A 35 -7.60 6.77 -34.04
CA SER A 35 -8.24 8.00 -33.57
C SER A 35 -7.89 9.08 -34.60
N SER A 36 -8.72 10.11 -34.71
CA SER A 36 -8.44 11.16 -35.66
C SER A 36 -8.56 12.50 -34.95
N HIS A 37 -8.36 13.57 -35.71
CA HIS A 37 -8.43 14.90 -35.14
C HIS A 37 -9.83 15.24 -34.73
N ARG A 38 -9.93 15.80 -33.54
CA ARG A 38 -11.19 16.23 -32.94
C ARG A 38 -11.02 17.72 -32.61
N LEU A 39 -11.96 18.56 -33.05
CA LEU A 39 -11.91 19.99 -32.78
C LEU A 39 -13.26 20.37 -32.17
N ASP A 40 -13.50 19.94 -30.93
CA ASP A 40 -14.78 20.19 -30.28
C ASP A 40 -14.80 21.17 -29.13
N THR A 41 -16.00 21.66 -28.84
CA THR A 41 -16.26 22.51 -27.68
C THR A 41 -17.01 21.51 -26.76
N GLY A 42 -17.00 21.74 -25.45
CA GLY A 42 -17.70 20.83 -24.54
C GLY A 42 -16.97 19.55 -24.16
N LYS A 43 -16.30 18.93 -25.14
CA LYS A 43 -15.54 17.69 -24.92
C LYS A 43 -14.11 18.01 -24.49
N VAL A 44 -13.74 17.66 -23.26
CA VAL A 44 -12.39 17.94 -22.80
C VAL A 44 -11.73 16.85 -21.90
N PRO A 45 -11.29 15.74 -22.53
CA PRO A 45 -10.63 14.57 -21.93
C PRO A 45 -9.33 14.89 -21.21
N ALA A 46 -8.61 15.89 -21.72
CA ALA A 46 -7.32 16.27 -21.17
C ALA A 46 -7.42 16.99 -19.84
N LEU A 47 -8.58 17.55 -19.54
CA LEU A 47 -8.77 18.25 -18.27
C LEU A 47 -9.37 17.33 -17.19
N GLN A 48 -8.74 17.35 -16.02
CA GLN A 48 -9.15 16.52 -14.89
C GLN A 48 -9.30 17.36 -13.62
N ALA A 49 -9.74 16.70 -12.56
CA ALA A 49 -9.90 17.34 -11.26
C ALA A 49 -9.35 16.31 -10.28
N ALA A 50 -8.03 16.34 -10.14
CA ALA A 50 -7.34 15.39 -9.28
C ALA A 50 -7.83 15.44 -7.85
N GLU A 51 -8.47 16.53 -7.46
CA GLU A 51 -8.96 16.67 -6.10
C GLU A 51 -9.96 15.57 -5.74
N ILE A 52 -10.74 15.12 -6.72
CA ILE A 52 -11.74 14.08 -6.52
C ILE A 52 -11.16 12.81 -5.88
N GLY A 53 -9.91 12.51 -6.23
CA GLY A 53 -9.25 11.34 -5.67
C GLY A 53 -9.14 10.20 -6.66
N ALA A 54 -9.63 10.40 -7.88
CA ALA A 54 -9.55 9.37 -8.91
C ALA A 54 -8.36 9.66 -9.81
N SER A 55 -7.92 8.66 -10.56
CA SER A 55 -6.80 8.85 -11.46
C SER A 55 -7.35 9.28 -12.81
N SER A 56 -6.51 9.89 -13.64
CA SER A 56 -6.96 10.35 -14.94
C SER A 56 -7.58 9.25 -15.79
N ASN A 57 -8.65 9.60 -16.47
CA ASN A 57 -9.36 8.70 -17.38
C ASN A 57 -8.95 8.99 -18.84
N ALA A 58 -8.02 9.92 -19.05
CA ALA A 58 -7.57 10.24 -20.39
C ALA A 58 -6.72 9.12 -20.96
N SER A 59 -6.93 8.84 -22.23
CA SER A 59 -6.22 7.77 -22.95
C SER A 59 -5.52 8.28 -24.19
N ASP A 60 -4.60 7.47 -24.68
CA ASP A 60 -3.83 7.81 -25.85
C ASP A 60 -4.76 8.28 -26.97
N GLU A 61 -5.77 7.49 -27.27
CA GLU A 61 -6.71 7.81 -28.35
C GLU A 61 -7.26 9.24 -28.33
N SER A 62 -7.49 9.79 -27.14
CA SER A 62 -8.04 11.16 -27.06
C SER A 62 -7.03 12.31 -26.98
N MET A 63 -5.75 12.00 -26.78
CA MET A 63 -4.73 13.03 -26.68
C MET A 63 -3.89 13.22 -27.93
N ILE A 64 -3.79 12.18 -28.77
CA ILE A 64 -3.02 12.26 -30.02
C ILE A 64 -3.69 11.36 -31.03
N GLU A 65 -3.32 11.49 -32.29
CA GLU A 65 -3.90 10.65 -33.33
C GLU A 65 -3.15 9.32 -33.30
N THR A 66 -3.88 8.24 -33.02
CA THR A 66 -3.26 6.93 -32.93
C THR A 66 -3.63 6.01 -34.07
N ARG A 67 -2.81 4.98 -34.24
CA ARG A 67 -3.02 3.95 -35.25
C ARG A 67 -3.67 2.81 -34.47
N CYS A 68 -3.95 1.70 -35.14
CA CYS A 68 -4.51 0.55 -34.44
C CYS A 68 -3.35 -0.35 -34.00
N VAL A 69 -3.40 -0.87 -32.79
CA VAL A 69 -2.35 -1.76 -32.33
C VAL A 69 -2.99 -2.92 -31.61
N LEU A 70 -2.77 -4.13 -32.09
CA LEU A 70 -3.31 -5.31 -31.44
C LEU A 70 -2.27 -5.78 -30.44
N ASN A 71 -2.52 -5.45 -29.18
CA ASN A 71 -1.62 -5.77 -28.09
C ASN A 71 -1.90 -7.12 -27.48
N SER A 72 -0.93 -8.00 -27.62
CA SER A 72 -1.02 -9.36 -27.10
C SER A 72 0.02 -9.60 -26.00
N HIS A 73 0.49 -8.53 -25.37
CA HIS A 73 1.46 -8.66 -24.29
C HIS A 73 0.67 -9.19 -23.07
N SER A 74 1.16 -10.27 -22.47
CA SER A 74 0.52 -10.90 -21.32
C SER A 74 0.63 -10.14 -20.02
N THR A 75 -0.36 -10.35 -19.16
CA THR A 75 -0.44 -9.71 -17.85
C THR A 75 -0.26 -10.78 -16.78
N ALA A 76 0.10 -11.97 -17.23
CA ALA A 76 0.25 -13.14 -16.37
C ALA A 76 1.35 -13.09 -15.32
N GLU A 77 2.47 -12.45 -15.62
CA GLU A 77 3.57 -12.44 -14.67
C GLU A 77 3.42 -11.45 -13.54
N THR A 78 2.32 -10.71 -13.52
CA THR A 78 2.15 -9.75 -12.43
C THR A 78 1.05 -10.14 -11.44
N THR A 79 0.68 -11.42 -11.45
CA THR A 79 -0.32 -11.91 -10.51
C THR A 79 0.39 -12.07 -9.17
N LEU A 80 -0.35 -12.14 -8.08
CA LEU A 80 0.26 -12.31 -6.78
C LEU A 80 1.17 -13.54 -6.70
N ASP A 81 0.71 -14.69 -7.18
CA ASP A 81 1.55 -15.89 -7.13
C ASP A 81 2.82 -15.74 -7.98
N SER A 82 2.70 -15.09 -9.13
CA SER A 82 3.87 -14.88 -9.99
C SER A 82 4.94 -14.06 -9.26
N PHE A 83 4.48 -13.04 -8.56
CA PHE A 83 5.35 -12.14 -7.83
C PHE A 83 5.93 -12.74 -6.54
N PHE A 84 5.12 -13.46 -5.78
CA PHE A 84 5.54 -14.02 -4.48
C PHE A 84 6.04 -15.46 -4.43
N SER A 85 5.64 -16.28 -5.39
CA SER A 85 6.01 -17.70 -5.35
C SER A 85 7.40 -17.95 -5.89
N ARG A 86 8.35 -17.29 -5.25
CA ARG A 86 9.75 -17.40 -5.58
C ARG A 86 10.39 -17.46 -4.21
N ALA A 87 11.06 -18.56 -3.92
CA ALA A 87 11.67 -18.75 -2.62
C ALA A 87 12.80 -17.78 -2.30
N GLY A 88 12.70 -17.17 -1.12
CA GLY A 88 13.72 -16.25 -0.66
C GLY A 88 14.17 -16.60 0.77
N LEU A 89 15.34 -16.10 1.17
CA LEU A 89 15.88 -16.37 2.51
C LEU A 89 15.07 -15.60 3.56
N VAL A 90 14.66 -16.28 4.63
CA VAL A 90 13.90 -15.61 5.69
C VAL A 90 14.43 -15.93 7.09
N GLY A 91 15.35 -16.86 7.16
CA GLY A 91 15.94 -17.25 8.43
C GLY A 91 17.29 -17.92 8.30
N GLU A 92 18.11 -17.76 9.34
CA GLU A 92 19.45 -18.36 9.38
C GLU A 92 19.65 -18.84 10.82
N ILE A 93 20.06 -20.10 10.98
CA ILE A 93 20.29 -20.65 12.32
C ILE A 93 21.71 -21.21 12.42
N ASP A 94 22.46 -20.73 13.41
CA ASP A 94 23.83 -21.20 13.63
C ASP A 94 23.94 -22.20 14.75
N LEU A 95 24.71 -23.26 14.49
CA LEU A 95 24.96 -24.31 15.46
C LEU A 95 26.46 -24.54 15.46
N PRO A 96 27.22 -23.61 16.06
CA PRO A 96 28.67 -23.67 16.15
C PRO A 96 29.11 -24.60 17.28
N LEU A 97 30.40 -24.94 17.29
CA LEU A 97 30.97 -25.82 18.31
C LEU A 97 31.46 -24.99 19.49
N GLU A 98 32.32 -24.05 19.16
CA GLU A 98 32.91 -23.12 20.10
C GLU A 98 32.10 -21.84 19.94
N GLY A 99 31.40 -21.42 20.98
CA GLY A 99 30.64 -20.21 20.77
C GLY A 99 29.94 -19.56 21.93
N THR A 100 29.32 -18.44 21.59
CA THR A 100 28.58 -17.63 22.54
C THR A 100 27.08 -17.82 22.33
N THR A 101 26.69 -18.12 21.09
CA THR A 101 25.27 -18.30 20.76
C THR A 101 24.69 -19.67 21.17
N ASN A 102 24.63 -20.61 20.23
CA ASN A 102 24.08 -21.94 20.50
C ASN A 102 25.15 -23.03 20.46
N PRO A 103 26.07 -23.04 21.46
CA PRO A 103 27.15 -24.03 21.52
C PRO A 103 26.73 -25.38 22.09
N ASN A 104 25.45 -25.52 22.41
CA ASN A 104 24.96 -26.75 22.98
C ASN A 104 24.33 -27.74 22.03
N GLY A 105 24.51 -27.52 20.73
CA GLY A 105 23.97 -28.44 19.75
C GLY A 105 22.49 -28.36 19.44
N TYR A 106 21.85 -27.25 19.77
CA TYR A 106 20.43 -27.07 19.47
C TYR A 106 20.11 -25.59 19.38
N ALA A 107 18.98 -25.25 18.78
CA ALA A 107 18.60 -23.86 18.65
C ALA A 107 17.10 -23.70 18.43
N ASN A 108 16.55 -22.59 18.94
CA ASN A 108 15.14 -22.27 18.79
C ASN A 108 14.99 -20.95 18.06
N TRP A 109 14.32 -20.99 16.93
CA TRP A 109 14.12 -19.81 16.10
C TRP A 109 12.66 -19.41 16.08
N ASP A 110 12.34 -18.20 16.52
CA ASP A 110 10.95 -17.76 16.48
C ASP A 110 10.61 -17.50 15.04
N ILE A 111 9.51 -18.10 14.60
CA ILE A 111 9.07 -17.96 13.23
C ILE A 111 8.62 -16.54 12.97
N ASP A 112 9.51 -15.78 12.33
CA ASP A 112 9.29 -14.38 12.01
C ASP A 112 10.16 -14.13 10.79
N ILE A 113 9.54 -13.86 9.66
CA ILE A 113 10.30 -13.65 8.44
C ILE A 113 10.73 -12.21 8.17
N THR A 114 10.58 -11.32 9.14
CA THR A 114 10.94 -9.93 8.90
C THR A 114 12.41 -9.55 9.13
N GLY A 115 13.29 -10.54 9.26
CA GLY A 115 14.69 -10.23 9.49
C GLY A 115 15.52 -10.01 8.24
N TYR A 116 14.91 -10.19 7.07
CA TYR A 116 15.60 -10.01 5.79
C TYR A 116 14.81 -9.05 4.89
N ALA A 117 15.49 -7.97 4.51
CA ALA A 117 14.88 -6.90 3.74
C ALA A 117 14.28 -7.20 2.38
N GLN A 118 14.91 -8.07 1.59
CA GLN A 118 14.35 -8.34 0.27
C GLN A 118 12.94 -8.86 0.35
N MET A 119 12.77 -9.95 1.10
CA MET A 119 11.46 -10.57 1.25
C MET A 119 10.48 -9.66 1.96
N ARG A 120 10.95 -9.05 3.05
CA ARG A 120 10.09 -8.17 3.85
C ARG A 120 9.50 -7.00 3.09
N ARG A 121 10.30 -6.37 2.24
CA ARG A 121 9.79 -5.23 1.51
C ARG A 121 8.71 -5.60 0.51
N LYS A 122 8.77 -6.84 0.01
CA LYS A 122 7.76 -7.31 -0.92
C LYS A 122 6.45 -7.54 -0.18
N VAL A 123 6.46 -8.31 0.91
CA VAL A 123 5.21 -8.57 1.62
C VAL A 123 4.57 -7.34 2.25
N GLU A 124 5.38 -6.37 2.66
CA GLU A 124 4.83 -5.17 3.29
C GLU A 124 4.18 -4.19 2.34
N LEU A 125 4.00 -4.62 1.10
CA LEU A 125 3.33 -3.81 0.09
C LEU A 125 1.83 -3.93 0.37
N PHE A 126 1.47 -5.01 1.08
CA PHE A 126 0.07 -5.29 1.43
C PHE A 126 -0.11 -5.33 2.94
N THR A 127 -1.30 -5.00 3.41
CA THR A 127 -1.56 -5.00 4.83
C THR A 127 -1.94 -6.38 5.36
N TYR A 128 -2.77 -7.10 4.59
CA TYR A 128 -3.22 -8.44 4.97
C TYR A 128 -2.87 -9.43 3.86
N MET A 129 -2.45 -10.63 4.25
CA MET A 129 -2.10 -11.66 3.28
C MET A 129 -2.46 -13.01 3.85
N ARG A 130 -3.00 -13.86 2.98
CA ARG A 130 -3.41 -15.21 3.37
C ARG A 130 -2.72 -16.10 2.33
N PHE A 131 -1.98 -17.11 2.78
CA PHE A 131 -1.27 -17.98 1.87
C PHE A 131 -0.75 -19.26 2.50
N ASP A 132 -0.40 -20.22 1.66
CA ASP A 132 0.17 -21.46 2.13
C ASP A 132 1.63 -21.19 1.81
N ALA A 133 2.54 -22.06 2.21
CA ALA A 133 3.94 -21.83 1.94
C ALA A 133 4.74 -23.10 1.89
N GLU A 134 5.80 -23.09 1.08
CA GLU A 134 6.68 -24.21 0.95
C GLU A 134 8.00 -23.77 1.58
N PHE A 135 8.45 -24.51 2.58
CA PHE A 135 9.70 -24.18 3.24
C PHE A 135 10.82 -25.15 2.88
N THR A 136 11.98 -24.59 2.58
CA THR A 136 13.14 -25.40 2.21
C THR A 136 14.28 -25.07 3.15
N PHE A 137 14.95 -26.12 3.64
CA PHE A 137 16.06 -25.98 4.57
C PHE A 137 17.39 -26.44 3.99
N VAL A 138 18.31 -25.50 3.80
CA VAL A 138 19.63 -25.77 3.26
C VAL A 138 20.66 -25.74 4.38
N ALA A 139 21.35 -26.87 4.59
CA ALA A 139 22.33 -26.97 5.66
C ALA A 139 23.72 -27.41 5.22
N CYS A 140 24.74 -26.82 5.84
CA CYS A 140 26.13 -27.13 5.55
C CYS A 140 27.00 -26.50 6.62
N THR A 141 28.32 -26.56 6.44
CA THR A 141 29.20 -25.94 7.42
C THR A 141 29.34 -24.49 7.02
N PRO A 142 30.04 -23.70 7.84
CA PRO A 142 30.18 -22.29 7.45
C PRO A 142 31.04 -22.08 6.21
N THR A 143 31.60 -23.14 5.64
CA THR A 143 32.40 -23.02 4.40
C THR A 143 31.60 -23.53 3.21
N GLY A 144 30.41 -24.05 3.52
CA GLY A 144 29.53 -24.58 2.49
C GLY A 144 29.85 -26.03 2.23
N GLU A 145 30.59 -26.63 3.14
CA GLU A 145 30.99 -28.03 3.00
C GLU A 145 29.86 -28.96 3.48
N VAL A 146 29.73 -30.10 2.83
CA VAL A 146 28.72 -31.07 3.19
C VAL A 146 29.36 -32.14 4.05
N VAL A 147 28.84 -32.34 5.25
CA VAL A 147 29.35 -33.32 6.20
C VAL A 147 28.29 -34.35 6.57
N PRO A 148 28.72 -35.58 6.90
CA PRO A 148 27.81 -36.67 7.28
C PRO A 148 27.22 -36.51 8.69
N GLN A 149 26.30 -35.56 8.81
CA GLN A 149 25.65 -35.26 10.08
C GLN A 149 24.12 -35.37 9.97
N LEU A 150 23.50 -35.95 10.99
CA LEU A 150 22.07 -36.12 11.02
C LEU A 150 21.45 -35.02 11.87
N LEU A 151 20.43 -34.34 11.34
CA LEU A 151 19.76 -33.27 12.07
C LEU A 151 18.29 -33.58 12.31
N GLN A 152 17.68 -32.84 13.23
CA GLN A 152 16.25 -32.98 13.48
C GLN A 152 15.63 -31.58 13.54
N TYR A 153 14.60 -31.36 12.73
CA TYR A 153 13.89 -30.08 12.74
C TYR A 153 12.53 -30.41 13.36
N MET A 154 12.05 -29.54 14.25
CA MET A 154 10.75 -29.79 14.85
C MET A 154 9.98 -28.50 14.99
N PHE A 155 8.72 -28.53 14.61
CA PHE A 155 7.87 -27.35 14.70
C PHE A 155 7.14 -27.42 16.05
N VAL A 156 7.35 -26.39 16.87
CA VAL A 156 6.75 -26.29 18.19
C VAL A 156 5.72 -25.17 18.22
N PRO A 157 4.44 -25.51 18.03
CA PRO A 157 3.38 -24.50 18.04
C PRO A 157 3.26 -23.85 19.40
N PRO A 158 2.68 -22.65 19.48
CA PRO A 158 2.52 -21.95 20.76
C PRO A 158 1.87 -22.86 21.81
N GLY A 159 2.54 -23.04 22.95
CA GLY A 159 1.97 -23.88 23.99
C GLY A 159 2.64 -25.24 24.12
N ALA A 160 3.38 -25.65 23.10
CA ALA A 160 4.07 -26.91 23.18
C ALA A 160 5.41 -26.59 23.84
N PRO A 161 5.98 -27.55 24.57
CA PRO A 161 7.27 -27.35 25.25
C PRO A 161 8.48 -27.17 24.30
N LYS A 162 9.17 -26.02 24.43
CA LYS A 162 10.35 -25.73 23.61
C LYS A 162 11.54 -26.51 24.16
N PRO A 163 12.26 -27.25 23.31
CA PRO A 163 13.43 -27.98 23.82
C PRO A 163 14.39 -27.01 24.49
N ASP A 164 15.01 -27.44 25.58
CA ASP A 164 15.94 -26.61 26.34
C ASP A 164 17.32 -27.26 26.28
N SER A 165 17.46 -28.26 25.43
CA SER A 165 18.73 -28.94 25.32
C SER A 165 18.70 -29.95 24.19
N ARG A 166 19.87 -30.39 23.79
CA ARG A 166 19.98 -31.36 22.71
C ARG A 166 19.35 -32.68 23.13
N GLU A 167 19.17 -32.90 24.44
CA GLU A 167 18.60 -34.15 24.92
C GLU A 167 17.22 -33.98 25.56
N SER A 168 16.57 -32.86 25.31
CA SER A 168 15.24 -32.60 25.87
C SER A 168 14.22 -33.69 25.56
N LEU A 169 13.35 -33.99 26.53
CA LEU A 169 12.31 -34.99 26.34
C LEU A 169 11.35 -34.58 25.20
N ALA A 170 11.29 -33.28 24.91
CA ALA A 170 10.44 -32.76 23.86
C ALA A 170 10.75 -33.30 22.47
N TRP A 171 11.97 -33.78 22.26
CA TRP A 171 12.36 -34.32 20.95
C TRP A 171 11.73 -35.68 20.65
N GLN A 172 10.96 -36.21 21.61
CA GLN A 172 10.27 -37.49 21.40
C GLN A 172 9.27 -37.24 20.26
N THR A 173 8.94 -35.96 20.08
CA THR A 173 8.05 -35.45 19.04
C THR A 173 6.83 -36.31 18.70
N ALA A 174 6.11 -36.77 19.72
CA ALA A 174 4.95 -37.63 19.52
C ALA A 174 3.75 -36.98 18.82
N THR A 175 3.66 -35.66 18.80
CA THR A 175 2.55 -35.01 18.14
C THR A 175 3.01 -33.84 17.24
N ASN A 176 4.07 -33.17 17.65
CA ASN A 176 4.61 -32.07 16.85
C ASN A 176 5.16 -32.68 15.57
N PRO A 177 5.16 -31.92 14.47
CA PRO A 177 5.73 -32.57 13.28
C PRO A 177 7.26 -32.37 13.27
N SER A 178 8.02 -33.45 13.05
CA SER A 178 9.48 -33.34 12.99
C SER A 178 10.01 -33.84 11.64
N VAL A 179 11.18 -33.38 11.25
CA VAL A 179 11.80 -33.84 10.01
C VAL A 179 13.20 -34.30 10.38
N PHE A 180 13.56 -35.52 9.99
CA PHE A 180 14.91 -36.03 10.22
C PHE A 180 15.58 -36.08 8.87
N VAL A 181 16.76 -35.48 8.77
CA VAL A 181 17.45 -35.44 7.48
C VAL A 181 18.96 -35.28 7.68
N LYS A 182 19.73 -35.69 6.67
CA LYS A 182 21.18 -35.59 6.69
C LYS A 182 21.59 -34.36 5.88
N LEU A 183 22.74 -33.77 6.19
CA LEU A 183 23.21 -32.63 5.39
C LEU A 183 23.60 -33.17 4.03
N SER A 184 23.83 -34.47 3.98
CA SER A 184 24.24 -35.11 2.73
C SER A 184 23.07 -35.29 1.78
N ASP A 185 21.86 -35.30 2.34
CA ASP A 185 20.63 -35.44 1.57
C ASP A 185 20.34 -34.09 0.93
N PRO A 186 19.40 -34.03 -0.02
CA PRO A 186 19.09 -32.73 -0.62
C PRO A 186 18.44 -31.89 0.45
N PRO A 187 18.19 -30.62 0.18
CA PRO A 187 17.55 -29.77 1.19
C PRO A 187 16.18 -30.32 1.55
N ALA A 188 15.85 -30.37 2.84
CA ALA A 188 14.53 -30.85 3.26
C ALA A 188 13.48 -29.84 2.77
N GLN A 189 12.26 -30.30 2.51
CA GLN A 189 11.25 -29.39 2.00
C GLN A 189 9.85 -29.86 2.33
N VAL A 190 9.04 -28.95 2.88
CA VAL A 190 7.68 -29.30 3.26
C VAL A 190 6.70 -28.20 2.93
N SER A 191 5.41 -28.54 2.98
CA SER A 191 4.33 -27.58 2.73
C SER A 191 3.68 -27.21 4.07
N VAL A 192 3.44 -25.92 4.24
CA VAL A 192 2.86 -25.39 5.46
C VAL A 192 1.55 -24.70 5.07
N PRO A 193 0.48 -24.96 5.83
CA PRO A 193 -0.83 -24.37 5.57
C PRO A 193 -0.94 -22.99 6.19
N PHE A 194 -2.06 -22.32 5.96
CA PHE A 194 -2.28 -21.01 6.53
C PHE A 194 -2.79 -21.29 7.94
N MET A 195 -1.95 -21.03 8.94
CA MET A 195 -2.28 -21.38 10.32
C MET A 195 -2.81 -20.35 11.31
N SER A 196 -2.97 -19.10 10.89
CA SER A 196 -3.46 -18.07 11.79
C SER A 196 -4.89 -18.27 12.30
N PRO A 197 -5.20 -17.71 13.47
CA PRO A 197 -6.54 -17.79 14.07
C PRO A 197 -7.39 -16.75 13.35
N ALA A 198 -6.71 -15.85 12.66
CA ALA A 198 -7.39 -14.81 11.91
C ALA A 198 -7.61 -15.26 10.46
N SER A 199 -8.33 -14.47 9.68
CA SER A 199 -8.56 -14.86 8.30
C SER A 199 -7.34 -14.57 7.44
N ALA A 200 -6.45 -13.75 7.97
CA ALA A 200 -5.25 -13.40 7.23
C ALA A 200 -4.16 -12.99 8.20
N TYR A 201 -2.91 -13.05 7.74
CA TYR A 201 -1.80 -12.60 8.55
C TYR A 201 -1.83 -11.10 8.25
N GLN A 202 -1.26 -10.27 9.11
CA GLN A 202 -1.21 -8.85 8.82
C GLN A 202 0.16 -8.35 9.23
N TRP A 203 0.84 -7.66 8.31
CA TRP A 203 2.18 -7.15 8.55
C TRP A 203 2.20 -5.86 9.37
N PHE A 204 1.02 -5.34 9.66
CA PHE A 204 0.88 -4.11 10.46
C PHE A 204 -0.34 -4.23 11.35
N TYR A 205 -0.17 -3.97 12.64
CA TYR A 205 -1.27 -4.03 13.58
C TYR A 205 -1.17 -2.77 14.43
N ASP A 206 -1.98 -1.78 14.13
CA ASP A 206 -1.94 -0.53 14.89
C ASP A 206 -2.79 -0.69 16.15
N GLY A 207 -2.21 -1.33 17.16
CA GLY A 207 -2.92 -1.53 18.41
C GLY A 207 -2.08 -2.29 19.41
N TYR A 208 -2.72 -2.69 20.52
CA TYR A 208 -2.05 -3.44 21.57
C TYR A 208 -2.73 -4.79 21.70
N PRO A 209 -2.00 -5.80 22.16
CA PRO A 209 -2.55 -7.14 22.34
C PRO A 209 -3.43 -7.32 23.58
N THR A 210 -3.27 -6.45 24.56
CA THR A 210 -4.05 -6.56 25.80
C THR A 210 -4.63 -5.26 26.30
N PHE A 211 -5.53 -5.40 27.27
CA PHE A 211 -6.19 -4.27 27.89
C PHE A 211 -5.32 -3.75 29.02
N GLY A 212 -5.65 -2.57 29.55
CA GLY A 212 -4.90 -2.00 30.66
C GLY A 212 -4.17 -0.69 30.39
N GLU A 213 -3.40 -0.24 31.37
CA GLU A 213 -2.64 0.99 31.21
C GLU A 213 -1.46 0.63 30.34
N HIS A 214 -1.19 1.46 29.36
CA HIS A 214 -0.10 1.17 28.45
C HIS A 214 1.04 2.10 28.78
N LYS A 215 1.65 1.81 29.93
CA LYS A 215 2.76 2.60 30.44
C LYS A 215 4.04 2.31 29.67
N GLN A 216 5.02 3.20 29.84
CA GLN A 216 6.33 3.14 29.20
C GLN A 216 6.94 1.74 29.08
N GLU A 217 7.06 1.03 30.21
CA GLU A 217 7.67 -0.30 30.19
C GLU A 217 7.02 -1.35 29.30
N LYS A 218 5.74 -1.19 28.99
CA LYS A 218 5.03 -2.15 28.14
C LYS A 218 4.91 -1.69 26.68
N ASP A 219 5.46 -0.54 26.34
CA ASP A 219 5.34 -0.03 24.98
C ASP A 219 6.02 -0.87 23.93
N LEU A 220 6.71 -1.92 24.33
CA LEU A 220 7.33 -2.75 23.32
C LEU A 220 6.26 -3.68 22.81
N GLU A 221 5.08 -3.65 23.42
CA GLU A 221 4.03 -4.52 22.94
C GLU A 221 3.11 -3.84 21.93
N TYR A 222 3.38 -2.56 21.66
CA TYR A 222 2.60 -1.83 20.65
C TYR A 222 2.90 -2.46 19.30
N GLY A 223 1.85 -2.93 18.61
CA GLY A 223 2.05 -3.52 17.29
C GLY A 223 2.21 -5.04 17.31
N ALA A 224 2.16 -5.64 18.50
CA ALA A 224 2.32 -7.08 18.62
C ALA A 224 1.00 -7.82 18.43
N CYS A 225 0.87 -8.58 17.34
CA CYS A 225 -0.36 -9.33 17.10
C CYS A 225 -0.09 -10.82 17.18
N PRO A 226 -0.58 -11.48 18.23
CA PRO A 226 -0.37 -12.92 18.39
C PRO A 226 -0.89 -13.72 17.19
N ASN A 227 -1.82 -13.14 16.44
CA ASN A 227 -2.36 -13.83 15.27
C ASN A 227 -1.27 -14.08 14.22
N ASN A 228 -0.12 -13.43 14.39
CA ASN A 228 0.99 -13.57 13.45
C ASN A 228 2.09 -14.43 14.01
N MET A 229 1.95 -14.82 15.27
CA MET A 229 2.98 -15.61 15.92
C MET A 229 2.64 -17.09 15.86
N MET A 230 3.23 -17.76 14.88
CA MET A 230 2.94 -19.17 14.63
C MET A 230 3.72 -20.20 15.42
N GLY A 231 4.71 -19.75 16.18
CA GLY A 231 5.46 -20.70 16.96
C GLY A 231 6.98 -20.66 16.82
N THR A 232 7.58 -21.78 17.16
CA THR A 232 9.01 -21.93 17.14
C THR A 232 9.48 -23.06 16.26
N PHE A 233 10.64 -22.88 15.62
CA PHE A 233 11.25 -23.89 14.78
C PHE A 233 12.52 -24.31 15.53
N SER A 234 12.56 -25.57 15.97
CA SER A 234 13.71 -26.05 16.74
C SER A 234 14.56 -27.02 15.94
N VAL A 235 15.87 -26.87 16.08
CA VAL A 235 16.80 -27.75 15.38
C VAL A 235 17.87 -28.26 16.33
N ARG A 236 18.30 -29.51 16.13
CA ARG A 236 19.34 -30.09 16.95
C ARG A 236 20.11 -31.13 16.15
N THR A 237 21.32 -31.47 16.61
CA THR A 237 22.09 -32.52 15.99
C THR A 237 21.58 -33.74 16.77
N VAL A 238 21.30 -34.84 16.10
CA VAL A 238 20.75 -35.99 16.80
C VAL A 238 21.76 -36.88 17.53
N GLY A 239 22.03 -36.55 18.79
CA GLY A 239 22.96 -37.35 19.56
C GLY A 239 23.05 -36.91 21.01
N THR A 240 23.64 -37.74 21.86
CA THR A 240 23.79 -37.39 23.27
C THR A 240 25.12 -36.70 23.54
N SER A 241 26.00 -36.73 22.55
CA SER A 241 27.31 -36.08 22.65
C SER A 241 27.43 -35.02 21.55
N LYS A 242 28.24 -33.98 21.81
CA LYS A 242 28.40 -32.86 20.88
C LYS A 242 28.74 -33.30 19.48
N SER A 243 28.25 -32.52 18.52
CA SER A 243 28.53 -32.81 17.13
C SER A 243 29.99 -32.54 16.85
N LYS A 244 30.53 -33.17 15.81
CA LYS A 244 31.93 -32.95 15.42
C LYS A 244 32.05 -31.77 14.47
N TYR A 245 30.92 -31.32 13.93
CA TYR A 245 30.99 -30.21 12.99
C TYR A 245 30.14 -29.01 13.34
N PRO A 246 30.59 -27.82 12.91
CA PRO A 246 29.89 -26.55 13.14
C PRO A 246 28.90 -26.48 11.97
N LEU A 247 27.67 -26.07 12.22
CA LEU A 247 26.66 -26.06 11.16
C LEU A 247 25.90 -24.75 11.03
N VAL A 248 25.28 -24.61 9.86
CA VAL A 248 24.45 -23.45 9.56
C VAL A 248 23.22 -23.93 8.80
N VAL A 249 22.05 -23.42 9.17
CA VAL A 249 20.83 -23.81 8.48
C VAL A 249 20.17 -22.56 7.91
N ARG A 250 20.08 -22.49 6.59
CA ARG A 250 19.43 -21.35 5.94
C ARG A 250 18.00 -21.77 5.62
N ILE A 251 17.05 -20.88 5.90
CA ILE A 251 15.63 -21.14 5.69
C ILE A 251 15.02 -20.32 4.55
N TYR A 252 14.49 -21.02 3.55
CA TYR A 252 13.86 -20.35 2.42
C TYR A 252 12.35 -20.54 2.43
N MET A 253 11.63 -19.53 1.96
CA MET A 253 10.18 -19.60 1.93
C MET A 253 9.61 -19.27 0.57
N ARG A 254 8.70 -20.10 0.11
CA ARG A 254 8.04 -19.86 -1.16
C ARG A 254 6.55 -19.90 -0.90
N MET A 255 5.91 -18.73 -0.95
CA MET A 255 4.47 -18.63 -0.73
C MET A 255 3.76 -19.17 -1.96
N LYS A 256 2.56 -19.68 -1.77
CA LYS A 256 1.75 -20.21 -2.87
C LYS A 256 0.28 -20.09 -2.46
N HIS A 257 -0.61 -19.91 -3.44
CA HIS A 257 -2.04 -19.78 -3.15
C HIS A 257 -2.23 -18.50 -2.35
N VAL A 258 -1.69 -17.41 -2.89
CA VAL A 258 -1.72 -16.12 -2.24
C VAL A 258 -2.91 -15.21 -2.49
N ARG A 259 -3.36 -14.54 -1.44
CA ARG A 259 -4.41 -13.53 -1.54
C ARG A 259 -3.92 -12.36 -0.69
N ALA A 260 -4.18 -11.14 -1.14
CA ALA A 260 -3.70 -9.97 -0.41
C ALA A 260 -4.66 -8.81 -0.48
N TRP A 261 -4.74 -8.04 0.60
CA TRP A 261 -5.63 -6.89 0.69
C TRP A 261 -4.97 -5.61 1.20
N ILE A 262 -5.49 -4.47 0.73
CA ILE A 262 -5.04 -3.14 1.14
C ILE A 262 -3.61 -2.79 0.81
N PRO A 263 -3.35 -2.36 -0.43
CA PRO A 263 -1.97 -2.02 -0.79
C PRO A 263 -1.54 -0.78 -0.02
N ARG A 264 -0.23 -0.61 0.17
CA ARG A 264 0.29 0.55 0.91
C ARG A 264 1.63 1.05 0.40
N PRO A 265 2.04 2.26 0.82
CA PRO A 265 3.34 2.79 0.37
C PRO A 265 4.46 1.79 0.68
N MET A 266 5.43 1.70 -0.21
CA MET A 266 6.55 0.80 -0.02
C MET A 266 7.70 1.44 0.74
N ARG A 267 8.24 0.68 1.69
CA ARG A 267 9.35 1.10 2.54
C ARG A 267 10.41 1.85 1.75
N ASN A 268 10.83 3.02 2.26
CA ASN A 268 11.87 3.80 1.60
C ASN A 268 13.03 4.20 2.53
N GLN A 269 13.06 3.64 3.72
CA GLN A 269 14.12 3.90 4.70
C GLN A 269 14.61 2.53 5.13
N ASN A 270 15.89 2.39 5.43
CA ASN A 270 16.37 1.08 5.85
C ASN A 270 15.64 0.53 7.05
N TYR A 271 15.47 -0.79 7.08
CA TYR A 271 14.82 -1.46 8.22
C TYR A 271 15.85 -1.58 9.34
N LEU A 272 15.38 -1.50 10.58
CA LEU A 272 16.27 -1.59 11.73
C LEU A 272 15.92 -2.76 12.64
N PHE A 273 14.62 -2.94 12.85
CA PHE A 273 14.12 -3.99 13.73
C PHE A 273 13.01 -4.81 13.10
N LYS A 274 12.91 -6.08 13.51
CA LYS A 274 11.89 -6.96 12.99
C LYS A 274 10.51 -6.53 13.41
N ALA A 275 10.35 -6.21 14.69
CA ALA A 275 9.07 -5.88 15.24
C ALA A 275 8.43 -4.55 14.96
N ASN A 276 9.14 -3.64 14.31
CA ASN A 276 8.52 -2.35 14.06
C ASN A 276 9.07 -1.63 12.87
N PRO A 277 8.45 -0.51 12.51
CA PRO A 277 8.91 0.29 11.36
C PRO A 277 9.89 1.39 11.69
N ASN A 278 10.47 1.38 12.89
CA ASN A 278 11.44 2.39 13.28
C ASN A 278 12.47 2.67 12.17
N TYR A 279 12.83 3.93 11.98
CA TYR A 279 13.80 4.30 10.96
C TYR A 279 14.82 5.21 11.64
N ALA A 280 16.04 5.28 11.11
CA ALA A 280 17.08 6.15 11.69
C ALA A 280 16.84 7.61 11.36
N GLY A 281 16.32 8.33 12.35
CA GLY A 281 15.99 9.75 12.23
C GLY A 281 17.05 10.72 11.73
N ASN A 282 18.33 10.37 11.91
CA ASN A 282 19.39 11.25 11.45
C ASN A 282 19.85 10.92 10.05
N SER A 283 19.19 9.94 9.44
CA SER A 283 19.56 9.55 8.10
C SER A 283 18.34 9.41 7.21
N ILE A 284 17.35 10.28 7.42
CA ILE A 284 16.16 10.22 6.58
C ILE A 284 16.61 10.60 5.17
N LYS A 285 16.58 9.63 4.27
CA LYS A 285 17.01 9.89 2.91
C LYS A 285 15.84 9.98 1.94
N PRO A 286 16.00 10.70 0.82
CA PRO A 286 14.95 10.84 -0.18
C PRO A 286 14.64 9.45 -0.73
N THR A 287 13.44 9.26 -1.25
CA THR A 287 13.09 7.95 -1.77
C THR A 287 14.04 7.53 -2.89
N GLY A 288 14.48 8.49 -3.69
CA GLY A 288 15.37 8.15 -4.79
C GLY A 288 16.46 9.17 -5.08
N ALA A 289 16.99 9.09 -6.28
CA ALA A 289 18.06 9.99 -6.67
C ALA A 289 17.68 11.48 -6.77
N SER A 290 18.71 12.33 -6.66
CA SER A 290 18.51 13.77 -6.74
C SER A 290 19.37 14.38 -7.86
N ARG A 291 19.18 15.67 -8.12
CA ARG A 291 19.95 16.35 -9.16
C ARG A 291 20.16 17.79 -8.66
N THR A 292 20.93 18.58 -9.41
CA THR A 292 21.24 19.93 -8.99
C THR A 292 20.17 20.99 -9.25
N ALA A 293 19.46 20.87 -10.37
CA ALA A 293 18.41 21.83 -10.67
C ALA A 293 17.25 21.14 -11.35
N ILE A 294 16.08 21.79 -11.30
CA ILE A 294 14.87 21.24 -11.88
C ILE A 294 14.81 21.48 -13.38
N THR A 295 15.77 22.25 -13.88
CA THR A 295 15.80 22.56 -15.32
C THR A 295 16.95 21.89 -16.04
N THR A 296 17.55 20.91 -15.38
CA THR A 296 18.70 20.21 -15.91
C THR A 296 18.60 18.73 -15.65
N LEU A 297 19.06 17.92 -16.60
CA LEU A 297 19.02 16.48 -16.39
C LEU A 297 20.11 16.13 -15.39
N SER B 10 -23.53 20.69 -9.17
CA SER B 10 -24.38 19.46 -9.31
C SER B 10 -23.46 18.26 -9.10
N ASP B 11 -22.39 18.52 -8.36
CA ASP B 11 -21.35 17.55 -8.04
C ASP B 11 -20.42 18.40 -7.18
N ARG B 12 -20.68 19.70 -7.23
CA ARG B 12 -19.92 20.69 -6.48
C ARG B 12 -20.69 20.95 -5.19
N VAL B 13 -22.00 20.72 -5.25
CA VAL B 13 -22.89 20.91 -4.10
C VAL B 13 -23.26 19.56 -3.48
N ALA B 14 -23.48 19.53 -2.17
CA ALA B 14 -23.82 18.28 -1.51
C ALA B 14 -24.42 18.43 -0.12
N GLN B 15 -25.22 17.44 0.26
CA GLN B 15 -25.85 17.38 1.57
C GLN B 15 -25.70 16.00 2.15
N LEU B 16 -25.17 15.93 3.36
CA LEU B 16 -24.98 14.66 4.05
C LEU B 16 -25.86 14.68 5.28
N THR B 17 -26.85 13.79 5.29
CA THR B 17 -27.75 13.71 6.42
C THR B 17 -27.73 12.30 7.00
N ILE B 18 -27.45 12.22 8.29
CA ILE B 18 -27.44 10.93 8.97
C ILE B 18 -27.71 11.20 10.44
N GLY B 19 -28.64 10.43 11.01
CA GLY B 19 -28.99 10.64 12.40
C GLY B 19 -29.73 11.97 12.50
N ASN B 20 -29.39 12.79 13.49
CA ASN B 20 -30.05 14.10 13.64
C ASN B 20 -29.10 15.19 13.18
N SER B 21 -28.22 14.84 12.25
CA SER B 21 -27.24 15.81 11.76
C SER B 21 -27.17 15.92 10.24
N THR B 22 -27.07 17.17 9.77
CA THR B 22 -26.95 17.45 8.35
C THR B 22 -25.76 18.36 8.08
N ILE B 23 -24.99 18.00 7.05
CA ILE B 23 -23.83 18.75 6.59
C ILE B 23 -24.11 19.27 5.18
N THR B 24 -23.73 20.51 4.90
CA THR B 24 -23.91 21.05 3.55
C THR B 24 -22.55 21.57 3.07
N THR B 25 -22.35 21.60 1.75
CA THR B 25 -21.13 22.14 1.19
C THR B 25 -21.49 22.61 -0.20
N GLN B 26 -20.91 23.73 -0.64
CA GLN B 26 -21.20 24.26 -1.97
C GLN B 26 -19.96 24.24 -2.85
N GLU B 27 -18.90 23.61 -2.36
CA GLU B 27 -17.66 23.50 -3.10
C GLU B 27 -17.04 22.13 -2.79
N ALA B 28 -17.73 21.08 -3.24
CA ALA B 28 -17.28 19.73 -3.02
C ALA B 28 -16.61 19.19 -4.27
N ALA B 29 -15.98 18.03 -4.14
CA ALA B 29 -15.31 17.41 -5.27
C ALA B 29 -15.73 15.96 -5.28
N ASN B 30 -17.04 15.73 -5.32
CA ASN B 30 -17.60 14.37 -5.35
C ASN B 30 -17.31 13.67 -4.02
N ILE B 31 -17.57 12.37 -3.97
CA ILE B 31 -17.38 11.59 -2.74
C ILE B 31 -16.63 10.31 -3.07
N ILE B 32 -15.70 9.94 -2.19
CA ILE B 32 -14.91 8.73 -2.36
C ILE B 32 -15.45 7.62 -1.47
N VAL B 33 -15.65 6.44 -2.06
CA VAL B 33 -16.11 5.28 -1.31
C VAL B 33 -14.93 4.33 -1.32
N GLY B 34 -14.21 4.32 -0.21
CA GLY B 34 -13.02 3.49 -0.08
C GLY B 34 -13.05 2.07 -0.57
N TYR B 35 -12.05 1.71 -1.37
CA TYR B 35 -11.95 0.36 -1.90
C TYR B 35 -13.23 -0.07 -2.59
N GLY B 36 -13.97 0.92 -3.06
CA GLY B 36 -15.18 0.69 -3.80
C GLY B 36 -16.31 -0.02 -3.10
N GLU B 37 -16.38 0.00 -1.77
CA GLU B 37 -17.50 -0.66 -1.16
C GLU B 37 -18.08 0.05 0.05
N TRP B 38 -19.40 -0.05 0.20
CA TRP B 38 -20.11 0.59 1.29
C TRP B 38 -20.09 -0.20 2.57
N PRO B 39 -20.23 0.50 3.68
CA PRO B 39 -20.26 -0.14 4.99
C PRO B 39 -21.47 -1.07 5.03
N SER B 40 -21.35 -2.17 5.75
CA SER B 40 -22.44 -3.12 5.90
C SER B 40 -22.30 -3.84 7.23
N TYR B 41 -23.38 -4.45 7.69
CA TYR B 41 -23.36 -5.17 8.96
C TYR B 41 -22.74 -6.54 8.73
N CYS B 42 -22.19 -7.14 9.79
CA CYS B 42 -21.55 -8.44 9.63
C CYS B 42 -22.55 -9.55 9.32
N SER B 43 -22.27 -10.33 8.28
CA SER B 43 -23.17 -11.42 7.90
C SER B 43 -23.09 -12.59 8.87
N ASP B 44 -24.10 -13.45 8.85
CA ASP B 44 -24.14 -14.60 9.76
C ASP B 44 -23.05 -15.66 9.52
N SER B 45 -22.39 -15.62 8.37
CA SER B 45 -21.36 -16.62 8.07
C SER B 45 -19.95 -16.10 8.33
N ASP B 46 -19.81 -14.78 8.37
CA ASP B 46 -18.53 -14.15 8.67
C ASP B 46 -18.43 -14.03 10.18
N ALA B 47 -19.57 -13.89 10.83
CA ALA B 47 -19.60 -13.75 12.27
C ALA B 47 -19.12 -15.01 12.97
N THR B 48 -18.66 -14.85 14.20
CA THR B 48 -18.21 -16.01 14.96
C THR B 48 -18.75 -15.95 16.37
N ALA B 49 -18.81 -14.73 16.92
CA ALA B 49 -19.32 -14.53 18.28
C ALA B 49 -20.81 -14.86 18.26
N VAL B 50 -21.30 -15.54 19.31
CA VAL B 50 -22.70 -15.94 19.33
C VAL B 50 -23.73 -15.03 19.97
N ASP B 51 -23.32 -14.08 20.80
CA ASP B 51 -24.35 -13.25 21.40
C ASP B 51 -24.99 -12.34 20.37
N LYS B 52 -26.29 -12.06 20.54
CA LYS B 52 -27.02 -11.19 19.63
C LYS B 52 -26.45 -9.79 19.85
N PRO B 53 -25.99 -9.15 18.77
CA PRO B 53 -25.40 -7.81 18.85
C PRO B 53 -26.43 -6.75 19.12
N THR B 54 -25.95 -5.54 19.37
CA THR B 54 -26.85 -4.42 19.57
C THR B 54 -26.48 -3.41 18.48
N ARG B 55 -27.49 -2.87 17.80
CA ARG B 55 -27.28 -1.92 16.71
C ARG B 55 -28.10 -0.66 17.00
N PRO B 56 -27.57 0.23 17.85
CA PRO B 56 -28.14 1.49 18.31
C PRO B 56 -28.69 2.41 17.22
N ASP B 57 -28.18 2.27 16.01
CA ASP B 57 -28.65 3.07 14.88
C ASP B 57 -28.43 4.58 15.07
N VAL B 58 -29.51 5.37 14.92
CA VAL B 58 -29.44 6.82 15.01
C VAL B 58 -28.72 7.50 16.15
N SER B 59 -28.67 6.86 17.31
CA SER B 59 -28.02 7.49 18.46
C SER B 59 -26.50 7.45 18.39
N VAL B 60 -25.95 6.57 17.54
CA VAL B 60 -24.50 6.46 17.40
C VAL B 60 -24.02 6.70 15.96
N ASN B 61 -24.86 6.42 14.96
CA ASN B 61 -24.45 6.68 13.58
C ASN B 61 -24.96 8.08 13.23
N ARG B 62 -24.13 9.07 13.53
CA ARG B 62 -24.46 10.47 13.31
C ARG B 62 -23.13 11.21 13.21
N PHE B 63 -23.15 12.48 12.82
CA PHE B 63 -21.91 13.24 12.70
C PHE B 63 -21.45 13.88 13.98
N TYR B 64 -20.18 13.66 14.30
CA TYR B 64 -19.60 14.26 15.49
C TYR B 64 -18.47 15.16 15.00
N THR B 65 -18.47 16.43 15.44
CA THR B 65 -17.43 17.37 15.06
C THR B 65 -16.48 17.38 16.24
N LEU B 66 -15.34 16.72 16.07
CA LEU B 66 -14.38 16.54 17.13
C LEU B 66 -13.22 17.49 17.34
N ASP B 67 -12.84 18.21 16.32
CA ASP B 67 -11.66 19.00 16.52
C ASP B 67 -11.35 19.94 15.39
N THR B 68 -10.64 21.01 15.73
CA THR B 68 -10.25 22.02 14.77
C THR B 68 -8.77 22.35 14.93
N LYS B 69 -8.06 22.34 13.82
CA LYS B 69 -6.64 22.64 13.81
C LYS B 69 -6.45 23.89 12.99
N LEU B 70 -5.36 24.60 13.22
CA LEU B 70 -5.08 25.81 12.46
C LEU B 70 -4.00 25.56 11.43
N TRP B 71 -4.33 25.87 10.18
CA TRP B 71 -3.41 25.67 9.10
C TRP B 71 -2.51 26.90 8.99
N GLU B 72 -1.21 26.68 9.11
CA GLU B 72 -0.26 27.77 9.02
C GLU B 72 0.75 27.49 7.94
N LYS B 73 1.42 28.53 7.46
CA LYS B 73 2.39 28.40 6.40
C LYS B 73 3.49 27.38 6.69
N SER B 74 3.67 27.03 7.96
CA SER B 74 4.71 26.09 8.35
C SER B 74 4.22 24.73 8.84
N SER B 75 2.91 24.54 8.90
CA SER B 75 2.34 23.29 9.38
C SER B 75 2.91 22.04 8.70
N LYS B 76 3.20 21.01 9.49
CA LYS B 76 3.76 19.81 8.92
C LYS B 76 2.70 18.75 8.60
N GLY B 77 1.59 18.75 9.33
CA GLY B 77 0.54 17.78 9.09
C GLY B 77 0.10 17.05 10.34
N TRP B 78 -1.09 16.45 10.29
CA TRP B 78 -1.64 15.73 11.43
C TRP B 78 -2.26 14.38 11.05
N TYR B 79 -2.58 13.61 12.08
CA TYR B 79 -3.23 12.31 11.92
C TYR B 79 -4.10 12.02 13.13
N TRP B 80 -5.15 11.23 12.90
CA TRP B 80 -6.07 10.81 13.95
C TRP B 80 -6.25 9.32 13.77
N LYS B 81 -6.65 8.64 14.83
CA LYS B 81 -6.86 7.21 14.75
C LYS B 81 -8.32 6.84 14.99
N PHE B 82 -8.80 5.88 14.23
CA PHE B 82 -10.18 5.41 14.38
C PHE B 82 -10.17 3.96 14.87
N PRO B 83 -11.11 3.61 15.77
CA PRO B 83 -12.16 4.46 16.34
C PRO B 83 -11.73 5.28 17.55
N ASP B 84 -10.43 5.36 17.80
CA ASP B 84 -9.95 6.11 18.95
C ASP B 84 -10.55 7.52 19.15
N VAL B 85 -10.63 8.32 18.09
CA VAL B 85 -11.18 9.68 18.23
C VAL B 85 -12.55 9.77 18.89
N LEU B 86 -13.34 8.70 18.82
CA LEU B 86 -14.69 8.72 19.37
C LEU B 86 -14.95 7.93 20.63
N THR B 87 -13.97 7.16 21.09
CA THR B 87 -14.19 6.32 22.26
C THR B 87 -14.65 7.02 23.54
N GLU B 88 -14.62 8.34 23.57
CA GLU B 88 -15.07 9.06 24.77
C GLU B 88 -16.15 10.12 24.44
N THR B 89 -16.83 9.94 23.32
CA THR B 89 -17.83 10.88 22.86
C THR B 89 -19.23 10.31 22.66
N GLY B 90 -20.22 11.01 23.21
CA GLY B 90 -21.61 10.60 23.08
C GLY B 90 -21.96 9.14 23.34
N VAL B 91 -23.07 8.72 22.75
CA VAL B 91 -23.56 7.36 22.91
C VAL B 91 -22.67 6.33 22.22
N PHE B 92 -21.97 6.74 21.18
CA PHE B 92 -21.05 5.82 20.50
C PHE B 92 -19.97 5.41 21.50
N GLY B 93 -19.35 6.40 22.14
CA GLY B 93 -18.32 6.11 23.12
C GLY B 93 -18.78 5.17 24.23
N GLN B 94 -19.97 5.42 24.75
CA GLN B 94 -20.47 4.56 25.81
C GLN B 94 -20.58 3.11 25.37
N ASN B 95 -21.08 2.87 24.16
CA ASN B 95 -21.21 1.50 23.68
C ASN B 95 -19.86 0.88 23.48
N ALA B 96 -18.91 1.67 23.00
CA ALA B 96 -17.56 1.18 22.77
C ALA B 96 -16.91 0.76 24.09
N GLN B 97 -17.24 1.47 25.17
CA GLN B 97 -16.69 1.16 26.48
C GLN B 97 -17.34 -0.03 27.17
N PHE B 98 -18.67 -0.13 27.06
CA PHE B 98 -19.41 -1.23 27.69
C PHE B 98 -19.30 -2.56 26.98
N HIS B 99 -18.88 -2.54 25.72
CA HIS B 99 -18.75 -3.75 24.94
C HIS B 99 -17.30 -4.11 24.59
N TYR B 100 -17.05 -5.40 24.45
CA TYR B 100 -15.73 -5.90 24.08
C TYR B 100 -15.63 -5.78 22.57
N LEU B 101 -16.66 -6.23 21.88
CA LEU B 101 -16.66 -6.19 20.43
C LEU B 101 -17.38 -5.00 19.80
N TYR B 102 -16.73 -4.46 18.77
CA TYR B 102 -17.26 -3.34 18.02
C TYR B 102 -16.86 -3.46 16.55
N ARG B 103 -17.70 -2.90 15.69
CA ARG B 103 -17.41 -2.86 14.26
C ARG B 103 -18.29 -1.74 13.67
N SER B 104 -17.75 -1.03 12.68
CA SER B 104 -18.52 0.01 12.02
C SER B 104 -17.73 0.55 10.84
N GLY B 105 -18.36 1.44 10.08
CA GLY B 105 -17.70 2.07 8.97
C GLY B 105 -17.66 3.54 9.37
N PHE B 106 -17.29 4.43 8.46
CA PHE B 106 -17.25 5.83 8.80
C PHE B 106 -17.44 6.70 7.57
N CYS B 107 -18.02 7.88 7.79
CA CYS B 107 -18.17 8.87 6.76
C CYS B 107 -17.35 9.99 7.33
N ILE B 108 -16.26 10.32 6.65
CA ILE B 108 -15.38 11.37 7.13
C ILE B 108 -15.52 12.61 6.27
N HIS B 109 -15.71 13.76 6.90
CA HIS B 109 -15.87 15.04 6.20
C HIS B 109 -14.91 16.07 6.79
N VAL B 110 -13.79 16.31 6.10
CA VAL B 110 -12.79 17.28 6.56
C VAL B 110 -13.14 18.63 5.91
N GLN B 111 -13.31 19.65 6.74
CA GLN B 111 -13.66 20.98 6.28
C GLN B 111 -12.53 22.02 6.36
N CYS B 112 -12.36 22.79 5.30
CA CYS B 112 -11.37 23.86 5.27
C CYS B 112 -11.67 24.82 4.15
N ASN B 113 -12.10 26.04 4.50
CA ASN B 113 -12.41 27.03 3.49
C ASN B 113 -11.53 28.26 3.63
N ALA B 114 -11.38 29.00 2.54
CA ALA B 114 -10.56 30.20 2.58
C ALA B 114 -11.19 31.22 1.64
N SER B 115 -10.37 31.93 0.87
CA SER B 115 -10.90 32.91 -0.10
C SER B 115 -10.30 32.64 -1.45
N LYS B 116 -10.83 33.31 -2.47
CA LYS B 116 -10.32 33.09 -3.82
C LYS B 116 -8.94 33.68 -4.02
N PHE B 117 -8.37 34.26 -2.95
CA PHE B 117 -7.03 34.82 -3.01
C PHE B 117 -6.05 34.05 -2.14
N HIS B 118 -6.51 32.99 -1.49
CA HIS B 118 -5.61 32.14 -0.70
C HIS B 118 -5.26 30.97 -1.61
N GLN B 119 -4.24 30.19 -1.24
CA GLN B 119 -3.86 29.04 -2.05
C GLN B 119 -3.26 28.00 -1.13
N GLY B 120 -3.23 26.76 -1.61
CA GLY B 120 -2.69 25.67 -0.83
C GLY B 120 -3.49 24.41 -1.09
N ALA B 121 -2.87 23.25 -0.83
CA ALA B 121 -3.55 21.99 -1.05
C ALA B 121 -3.22 21.00 0.05
N LEU B 122 -4.26 20.39 0.60
CA LEU B 122 -4.10 19.39 1.65
C LEU B 122 -4.39 18.04 1.06
N LEU B 123 -3.68 17.02 1.51
CA LEU B 123 -3.96 15.68 1.04
C LEU B 123 -4.74 15.02 2.19
N VAL B 124 -5.95 14.56 1.94
CA VAL B 124 -6.72 13.90 2.98
C VAL B 124 -6.82 12.43 2.63
N ALA B 125 -6.21 11.59 3.48
CA ALA B 125 -6.18 10.16 3.20
C ALA B 125 -6.43 9.29 4.40
N VAL B 126 -6.84 8.06 4.11
CA VAL B 126 -7.15 7.04 5.10
C VAL B 126 -6.18 5.86 4.93
N LEU B 127 -5.41 5.54 5.97
CA LEU B 127 -4.43 4.46 5.88
C LEU B 127 -4.69 3.38 6.95
N PRO B 128 -5.21 2.22 6.54
CA PRO B 128 -5.51 1.13 7.46
C PRO B 128 -4.28 0.64 8.19
N GLU B 129 -4.46 0.22 9.44
CA GLU B 129 -3.37 -0.28 10.26
C GLU B 129 -2.15 0.67 10.17
N TYR B 130 -2.35 1.91 10.61
CA TYR B 130 -1.29 2.93 10.57
C TYR B 130 -0.41 2.84 11.79
N VAL B 131 0.56 1.94 11.72
CA VAL B 131 1.52 1.72 12.77
C VAL B 131 2.55 2.83 12.73
N ILE B 132 2.76 3.46 13.88
CA ILE B 132 3.72 4.56 14.01
C ILE B 132 5.08 4.04 14.44
N GLY B 133 6.14 4.63 13.89
CA GLY B 133 7.49 4.24 14.26
C GLY B 133 8.20 5.41 14.93
N THR B 134 9.38 5.18 15.49
CA THR B 134 10.13 6.26 16.12
C THR B 134 11.44 6.45 15.36
N VAL B 135 12.16 7.53 15.64
CA VAL B 135 13.42 7.78 14.95
C VAL B 135 14.58 6.95 15.49
N ALA B 136 14.30 6.08 16.46
CA ALA B 136 15.30 5.19 17.03
C ALA B 136 16.53 5.89 17.60
N GLY B 137 16.32 6.88 18.47
CA GLY B 137 17.44 7.59 19.06
C GLY B 137 18.31 8.33 18.05
N GLY B 138 17.75 8.60 16.87
CA GLY B 138 18.46 9.31 15.81
C GLY B 138 19.49 8.48 15.05
N THR B 139 20.38 7.83 15.80
CA THR B 139 21.41 7.01 15.20
C THR B 139 20.86 5.67 14.70
N GLY B 140 19.68 5.30 15.19
CA GLY B 140 19.06 4.06 14.76
C GLY B 140 19.56 2.85 15.51
N THR B 141 20.31 3.08 16.58
CA THR B 141 20.83 1.98 17.36
C THR B 141 19.98 1.74 18.59
N GLU B 142 19.04 2.64 18.84
CA GLU B 142 18.21 2.50 20.00
C GLU B 142 16.79 2.10 19.63
N ASP B 143 16.33 0.98 20.18
CA ASP B 143 15.00 0.46 19.90
C ASP B 143 13.92 1.11 20.76
N THR B 144 13.70 2.40 20.54
CA THR B 144 12.70 3.15 21.28
C THR B 144 11.33 2.87 20.67
N HIS B 145 10.26 3.16 21.41
CA HIS B 145 8.91 2.91 20.93
C HIS B 145 8.00 4.08 21.19
N PRO B 146 7.01 4.28 20.33
CA PRO B 146 6.10 5.41 20.55
C PRO B 146 5.22 5.21 21.76
N PRO B 147 5.03 6.27 22.55
CA PRO B 147 4.20 6.22 23.76
C PRO B 147 2.71 6.13 23.41
N TYR B 148 1.88 5.69 24.37
CA TYR B 148 0.44 5.55 24.13
C TYR B 148 -0.19 6.82 23.58
N LYS B 149 0.19 8.00 24.09
CA LYS B 149 -0.42 9.24 23.61
C LYS B 149 -0.09 9.55 22.15
N GLN B 150 0.90 8.85 21.58
CA GLN B 150 1.27 9.08 20.18
C GLN B 150 0.59 8.07 19.25
N THR B 151 0.35 6.84 19.72
CA THR B 151 -0.28 5.82 18.91
C THR B 151 -1.80 5.97 18.92
N GLN B 152 -2.34 6.44 20.03
CA GLN B 152 -3.78 6.68 20.19
C GLN B 152 -3.97 8.06 20.82
N PRO B 153 -3.75 9.13 20.03
CA PRO B 153 -3.86 10.52 20.46
C PRO B 153 -5.25 11.06 20.83
N GLY B 154 -6.28 10.26 20.64
CA GLY B 154 -7.62 10.73 20.95
C GLY B 154 -8.07 11.84 20.00
N ALA B 155 -9.11 12.56 20.40
CA ALA B 155 -9.67 13.61 19.56
C ALA B 155 -8.72 14.73 19.12
N ASP B 156 -7.73 15.08 19.93
CA ASP B 156 -6.84 16.17 19.54
C ASP B 156 -5.93 15.82 18.39
N GLY B 157 -5.78 14.52 18.12
CA GLY B 157 -4.90 14.13 17.04
C GLY B 157 -3.46 14.31 17.48
N PHE B 158 -2.55 14.23 16.52
CA PHE B 158 -1.14 14.36 16.79
C PHE B 158 -0.44 14.90 15.53
N GLU B 159 0.58 15.73 15.71
CA GLU B 159 1.29 16.33 14.58
C GLU B 159 2.46 15.48 14.11
N LEU B 160 2.56 15.30 12.81
CA LEU B 160 3.63 14.50 12.24
C LEU B 160 4.97 15.16 12.46
N GLN B 161 5.96 14.38 12.83
CA GLN B 161 7.30 14.91 13.03
C GLN B 161 8.04 14.91 11.70
N HIS B 162 7.88 13.82 10.94
CA HIS B 162 8.52 13.70 9.62
C HIS B 162 7.52 13.26 8.58
N PRO B 163 6.67 14.19 8.11
CA PRO B 163 5.67 13.82 7.11
C PRO B 163 6.18 13.09 5.87
N TYR B 164 7.39 13.41 5.41
CA TYR B 164 7.90 12.77 4.20
C TYR B 164 7.91 11.23 4.29
N VAL B 165 8.07 10.70 5.49
CA VAL B 165 8.07 9.24 5.65
C VAL B 165 6.94 8.82 6.57
N LEU B 166 5.95 9.71 6.72
CA LEU B 166 4.77 9.48 7.54
C LEU B 166 5.06 8.92 8.93
N ASP B 167 6.19 9.31 9.49
CA ASP B 167 6.60 8.85 10.81
C ASP B 167 6.58 7.32 10.91
N ALA B 168 6.79 6.64 9.78
CA ALA B 168 6.75 5.18 9.78
C ALA B 168 7.61 4.56 8.68
N GLY B 169 8.55 5.35 8.15
CA GLY B 169 9.46 4.85 7.15
C GLY B 169 8.89 4.53 5.77
N ILE B 170 7.79 5.17 5.43
CA ILE B 170 7.13 4.97 4.14
C ILE B 170 6.87 6.32 3.50
N PRO B 171 7.01 6.40 2.17
CA PRO B 171 6.83 7.63 1.40
C PRO B 171 5.42 8.18 1.28
N ILE B 172 5.22 9.39 1.80
CA ILE B 172 3.92 10.02 1.70
C ILE B 172 3.57 10.22 0.23
N SER B 173 4.56 10.21 -0.65
CA SER B 173 4.31 10.42 -2.08
C SER B 173 3.46 9.29 -2.67
N GLN B 174 3.35 8.17 -1.95
CA GLN B 174 2.57 7.05 -2.43
C GLN B 174 1.29 6.86 -1.63
N LEU B 175 1.01 7.80 -0.73
CA LEU B 175 -0.17 7.69 0.12
C LEU B 175 -1.45 7.68 -0.70
N THR B 176 -1.39 8.20 -1.93
CA THR B 176 -2.57 8.24 -2.79
C THR B 176 -3.05 6.85 -3.22
N VAL B 177 -2.33 5.81 -2.83
CA VAL B 177 -2.77 4.47 -3.18
C VAL B 177 -3.87 4.09 -2.18
N CYS B 178 -4.11 4.97 -1.22
CA CYS B 178 -5.15 4.77 -0.22
C CYS B 178 -6.29 5.72 -0.54
N PRO B 179 -7.51 5.39 -0.09
CA PRO B 179 -8.64 6.27 -0.38
C PRO B 179 -8.31 7.70 0.04
N HIS B 180 -8.41 8.63 -0.90
CA HIS B 180 -8.11 10.01 -0.58
C HIS B 180 -8.90 11.00 -1.42
N GLN B 181 -8.68 12.27 -1.11
CA GLN B 181 -9.23 13.44 -1.81
C GLN B 181 -8.24 14.52 -1.44
N TRP B 182 -8.21 15.59 -2.22
CA TRP B 182 -7.34 16.71 -1.92
C TRP B 182 -8.24 17.87 -1.66
N ILE B 183 -7.83 18.77 -0.77
CA ILE B 183 -8.60 19.98 -0.57
C ILE B 183 -7.66 21.02 -1.16
N ASN B 184 -7.94 21.43 -2.39
CA ASN B 184 -7.15 22.43 -3.08
C ASN B 184 -8.03 23.69 -3.05
N LEU B 185 -7.58 24.66 -2.26
CA LEU B 185 -8.35 25.88 -2.04
C LEU B 185 -8.98 26.56 -3.24
N ARG B 186 -8.33 26.55 -4.39
CA ARG B 186 -8.94 27.20 -5.55
C ARG B 186 -10.08 26.38 -6.11
N THR B 187 -10.25 25.16 -5.60
CA THR B 187 -11.27 24.23 -6.12
C THR B 187 -12.40 23.79 -5.19
N ASN B 188 -12.04 23.29 -4.01
CA ASN B 188 -13.04 22.80 -3.07
C ASN B 188 -12.70 23.16 -1.64
N ASN B 189 -13.69 23.10 -0.75
CA ASN B 189 -13.45 23.40 0.64
C ASN B 189 -13.67 22.21 1.57
N CYS B 190 -13.62 21.00 1.02
CA CYS B 190 -13.82 19.85 1.89
C CYS B 190 -13.50 18.56 1.19
N ALA B 191 -13.33 17.52 2.00
CA ALA B 191 -13.04 16.18 1.49
C ALA B 191 -14.05 15.27 2.17
N THR B 192 -14.61 14.32 1.41
CA THR B 192 -15.57 13.39 1.97
C THR B 192 -15.19 11.97 1.57
N ILE B 193 -14.91 11.14 2.56
CA ILE B 193 -14.51 9.76 2.32
C ILE B 193 -15.33 8.80 3.17
N ILE B 194 -15.93 7.81 2.52
CA ILE B 194 -16.71 6.80 3.20
C ILE B 194 -15.82 5.56 3.26
N VAL B 195 -15.64 5.01 4.46
CA VAL B 195 -14.79 3.87 4.67
C VAL B 195 -15.55 2.70 5.25
N PRO B 196 -15.39 1.50 4.68
CA PRO B 196 -16.09 0.33 5.19
C PRO B 196 -15.26 -0.24 6.36
N TYR B 197 -15.77 -1.25 7.06
CA TYR B 197 -15.00 -1.83 8.16
C TYR B 197 -13.83 -2.61 7.56
N ILE B 198 -12.61 -2.32 8.00
CA ILE B 198 -11.44 -3.01 7.49
C ILE B 198 -10.67 -3.74 8.60
N ASN B 199 -10.62 -5.06 8.51
CA ASN B 199 -9.92 -5.87 9.51
C ASN B 199 -9.83 -7.32 9.03
N ALA B 200 -9.05 -8.16 9.72
CA ALA B 200 -8.94 -9.56 9.34
C ALA B 200 -9.89 -10.39 10.21
N LEU B 201 -10.65 -9.70 11.04
CA LEU B 201 -11.62 -10.33 11.94
C LEU B 201 -12.92 -9.58 11.73
N PRO B 202 -14.06 -10.22 12.01
CA PRO B 202 -15.39 -9.63 11.86
C PRO B 202 -15.72 -8.52 12.88
N PHE B 203 -15.15 -8.61 14.07
CA PHE B 203 -15.35 -7.61 15.13
C PHE B 203 -14.02 -7.51 15.87
N ASP B 204 -13.81 -6.42 16.62
CA ASP B 204 -12.58 -6.27 17.37
C ASP B 204 -12.82 -5.24 18.48
N SER B 205 -11.79 -4.99 19.29
CA SER B 205 -11.89 -4.04 20.40
C SER B 205 -11.71 -2.63 19.90
N ALA B 206 -12.67 -1.77 20.20
CA ALA B 206 -12.60 -0.38 19.78
C ALA B 206 -11.50 0.30 20.57
N LEU B 207 -11.05 -0.35 21.63
CA LEU B 207 -10.02 0.21 22.50
C LEU B 207 -8.59 -0.20 22.21
N ASN B 208 -8.37 -1.48 21.98
CA ASN B 208 -7.01 -1.93 21.73
C ASN B 208 -6.54 -1.85 20.28
N HIS B 209 -7.49 -1.74 19.36
CA HIS B 209 -7.16 -1.72 17.94
C HIS B 209 -7.71 -0.53 17.18
N CYS B 210 -6.83 0.15 16.46
CA CYS B 210 -7.20 1.28 15.62
C CYS B 210 -7.15 0.79 14.17
N ASN B 211 -8.31 0.62 13.56
CA ASN B 211 -8.40 0.12 12.20
C ASN B 211 -7.71 0.92 11.11
N PHE B 212 -7.74 2.24 11.23
CA PHE B 212 -7.10 3.10 10.24
C PHE B 212 -6.83 4.48 10.80
N GLY B 213 -5.98 5.22 10.11
CA GLY B 213 -5.68 6.56 10.54
C GLY B 213 -6.11 7.55 9.48
N LEU B 214 -6.49 8.76 9.90
CA LEU B 214 -6.88 9.79 8.98
C LEU B 214 -5.68 10.73 8.94
N LEU B 215 -5.18 10.97 7.74
CA LEU B 215 -4.03 11.86 7.58
C LEU B 215 -4.45 13.12 6.82
N VAL B 216 -4.09 14.27 7.34
CA VAL B 216 -4.37 15.55 6.71
C VAL B 216 -3.01 16.25 6.65
N VAL B 217 -2.45 16.32 5.44
CA VAL B 217 -1.11 16.88 5.27
C VAL B 217 -0.99 17.92 4.18
N PRO B 218 -0.45 19.10 4.50
CA PRO B 218 -0.36 20.05 3.40
C PRO B 218 0.81 19.64 2.48
N ILE B 219 0.55 19.56 1.18
CA ILE B 219 1.56 19.19 0.19
C ILE B 219 2.00 20.45 -0.54
N SER B 220 1.06 21.38 -0.69
CA SER B 220 1.32 22.67 -1.32
C SER B 220 0.99 23.63 -0.17
N PRO B 221 2.00 24.30 0.37
CA PRO B 221 1.86 25.23 1.50
C PRO B 221 0.85 26.34 1.35
N LEU B 222 0.20 26.68 2.46
CA LEU B 222 -0.80 27.74 2.51
C LEU B 222 -0.08 29.05 2.26
N ASP B 223 -0.69 29.92 1.46
CA ASP B 223 -0.08 31.21 1.19
C ASP B 223 -1.19 32.22 0.93
N TYR B 224 -0.89 33.49 1.21
CA TYR B 224 -1.82 34.60 1.02
C TYR B 224 -1.05 35.88 1.29
N ASP B 225 -1.57 37.00 0.80
CA ASP B 225 -0.92 38.30 1.02
C ASP B 225 -1.36 38.92 2.33
N GLN B 226 -0.48 39.73 2.91
CA GLN B 226 -0.76 40.43 4.16
C GLN B 226 -2.05 41.20 4.04
N GLY B 227 -3.00 40.94 4.93
CA GLY B 227 -4.26 41.66 4.84
C GLY B 227 -5.43 40.71 4.71
N ALA B 228 -5.15 39.52 4.19
CA ALA B 228 -6.16 38.50 4.04
C ALA B 228 -6.29 37.76 5.38
N THR B 229 -7.49 37.26 5.68
CA THR B 229 -7.71 36.52 6.92
C THR B 229 -6.61 35.47 7.03
N PRO B 230 -5.80 35.52 8.09
CA PRO B 230 -4.69 34.59 8.32
C PRO B 230 -5.04 33.32 9.09
N VAL B 231 -6.17 33.36 9.78
CA VAL B 231 -6.63 32.19 10.53
C VAL B 231 -7.47 31.29 9.63
N ILE B 232 -6.88 30.18 9.20
CA ILE B 232 -7.54 29.22 8.31
C ILE B 232 -7.65 27.87 9.01
N PRO B 233 -8.79 27.63 9.68
CA PRO B 233 -9.05 26.37 10.41
C PRO B 233 -9.30 25.18 9.49
N ILE B 234 -9.08 24.00 10.04
CA ILE B 234 -9.32 22.75 9.34
C ILE B 234 -10.12 21.99 10.39
N THR B 235 -11.38 21.69 10.08
CA THR B 235 -12.22 20.98 11.05
C THR B 235 -12.55 19.56 10.62
N ILE B 236 -12.55 18.68 11.61
CA ILE B 236 -12.80 17.25 11.41
C ILE B 236 -14.16 16.80 11.92
N THR B 237 -15.04 16.39 11.01
CA THR B 237 -16.36 15.88 11.38
C THR B 237 -16.44 14.45 10.85
N LEU B 238 -17.04 13.55 11.62
CA LEU B 238 -17.12 12.16 11.21
C LEU B 238 -18.31 11.41 11.77
N ALA B 239 -18.83 10.47 10.98
CA ALA B 239 -19.98 9.68 11.40
C ALA B 239 -19.76 8.19 11.27
N PRO B 240 -20.10 7.44 12.33
CA PRO B 240 -19.96 5.99 12.29
C PRO B 240 -21.13 5.50 11.44
N MET B 241 -20.94 4.40 10.73
CA MET B 241 -22.02 3.86 9.90
C MET B 241 -22.13 2.39 10.19
N CYS B 242 -23.36 1.88 10.34
CA CYS B 242 -23.59 0.47 10.63
C CYS B 242 -22.90 -0.05 11.89
N SER B 243 -22.87 0.77 12.94
CA SER B 243 -22.22 0.36 14.18
C SER B 243 -22.90 -0.86 14.81
N GLU B 244 -22.07 -1.81 15.23
CA GLU B 244 -22.53 -3.03 15.88
C GLU B 244 -21.66 -3.26 17.10
N PHE B 245 -22.24 -3.75 18.19
CA PHE B 245 -21.48 -4.01 19.41
C PHE B 245 -21.91 -5.32 20.03
N ALA B 246 -20.98 -6.03 20.66
CA ALA B 246 -21.33 -7.28 21.32
C ALA B 246 -20.35 -7.52 22.45
N GLY B 247 -20.63 -8.52 23.28
CA GLY B 247 -19.78 -8.85 24.41
C GLY B 247 -19.96 -7.82 25.52
N LEU B 248 -21.19 -7.70 26.02
CA LEU B 248 -21.51 -6.73 27.05
C LEU B 248 -21.01 -7.09 28.44
N ARG B 249 -20.60 -6.05 29.18
CA ARG B 249 -20.15 -6.14 30.57
C ARG B 249 -20.01 -4.70 31.09
N GLN B 250 -19.18 -4.46 32.11
CA GLN B 250 -19.03 -3.09 32.62
C GLN B 250 -18.20 -2.23 31.70
N ALA B 251 -18.35 -0.92 31.84
CA ALA B 251 -17.60 0.02 31.03
C ALA B 251 -16.11 -0.01 31.39
N VAL B 252 -15.27 0.07 30.37
CA VAL B 252 -13.82 0.06 30.51
C VAL B 252 -13.29 1.15 29.56
N THR B 253 -12.39 1.99 30.05
CA THR B 253 -11.84 3.07 29.21
C THR B 253 -10.60 2.66 28.43
N GLN B 254 -9.94 1.59 28.88
CA GLN B 254 -8.76 1.09 28.20
C GLN B 254 -8.30 -0.30 28.70
N GLY C 1 11.60 -53.37 -8.27
CA GLY C 1 10.84 -52.09 -8.52
C GLY C 1 10.72 -51.69 -9.97
N PHE C 2 9.98 -50.62 -10.22
CA PHE C 2 9.78 -50.12 -11.58
C PHE C 2 11.05 -49.40 -12.10
N PRO C 3 11.53 -49.77 -13.30
CA PRO C 3 12.75 -49.18 -13.89
C PRO C 3 12.74 -47.70 -14.18
N THR C 4 13.57 -46.97 -13.46
CA THR C 4 13.74 -45.53 -13.60
C THR C 4 15.21 -45.19 -13.86
N GLU C 5 15.46 -43.95 -14.24
CA GLU C 5 16.83 -43.50 -14.55
C GLU C 5 16.91 -42.00 -14.23
N LEU C 6 17.75 -41.62 -13.29
CA LEU C 6 17.88 -40.22 -12.89
C LEU C 6 18.55 -39.32 -13.94
N LYS C 7 17.95 -38.17 -14.20
CA LYS C 7 18.45 -37.22 -15.18
C LYS C 7 19.08 -36.00 -14.50
N PRO C 8 19.88 -35.21 -15.25
CA PRO C 8 20.50 -34.02 -14.65
C PRO C 8 19.41 -33.10 -14.06
N GLY C 9 19.77 -32.40 -13.00
CA GLY C 9 18.81 -31.52 -12.34
C GLY C 9 18.44 -32.17 -11.03
N THR C 10 18.59 -33.50 -10.97
CA THR C 10 18.32 -34.29 -9.78
C THR C 10 18.96 -33.66 -8.55
N ASN C 11 18.20 -33.59 -7.45
CA ASN C 11 18.63 -33.03 -6.16
C ASN C 11 18.78 -31.53 -6.07
N GLN C 12 18.70 -30.83 -7.20
CA GLN C 12 18.87 -29.40 -7.15
C GLN C 12 17.65 -28.71 -6.56
N PHE C 13 17.89 -27.55 -5.95
CA PHE C 13 16.83 -26.74 -5.36
C PHE C 13 16.77 -25.44 -6.16
N LEU C 14 15.80 -25.33 -7.07
CA LEU C 14 15.60 -24.13 -7.90
C LEU C 14 14.53 -23.32 -7.17
N THR C 15 14.88 -22.14 -6.70
CA THR C 15 13.95 -21.31 -5.94
C THR C 15 12.61 -20.97 -6.57
N THR C 16 12.54 -21.03 -7.90
CA THR C 16 11.29 -20.72 -8.60
C THR C 16 10.56 -21.98 -9.09
N ASP C 17 11.07 -23.14 -8.72
CA ASP C 17 10.45 -24.39 -9.12
C ASP C 17 9.07 -24.48 -8.43
N ASP C 18 8.04 -24.82 -9.19
CA ASP C 18 6.67 -24.91 -8.66
C ASP C 18 6.29 -26.38 -8.47
N GLY C 19 6.71 -26.96 -7.35
CA GLY C 19 6.41 -28.35 -7.12
C GLY C 19 5.56 -28.68 -5.92
N VAL C 20 5.47 -29.97 -5.69
CA VAL C 20 4.70 -30.51 -4.59
C VAL C 20 5.58 -30.95 -3.43
N SER C 21 5.22 -30.55 -2.21
CA SER C 21 6.00 -30.90 -1.02
C SER C 21 5.09 -31.50 0.04
N ALA C 22 5.56 -32.50 0.76
CA ALA C 22 4.75 -33.13 1.80
C ALA C 22 4.20 -32.12 2.81
N PRO C 23 2.93 -32.28 3.19
CA PRO C 23 2.25 -31.39 4.15
C PRO C 23 2.54 -31.80 5.59
N ILE C 24 2.96 -30.83 6.39
CA ILE C 24 3.30 -31.09 7.79
C ILE C 24 2.14 -31.38 8.73
N LEU C 25 0.98 -30.79 8.50
CA LEU C 25 -0.15 -31.03 9.38
C LEU C 25 -1.29 -31.67 8.61
N PRO C 26 -1.37 -33.00 8.66
CA PRO C 26 -2.46 -33.66 7.93
C PRO C 26 -3.83 -33.35 8.48
N ASN C 27 -4.80 -33.32 7.58
CA ASN C 27 -6.20 -33.05 7.90
C ASN C 27 -6.44 -31.72 8.58
N PHE C 28 -5.52 -30.78 8.42
CA PHE C 28 -5.66 -29.46 9.01
C PHE C 28 -6.57 -28.59 8.13
N HIS C 29 -7.41 -27.75 8.75
CA HIS C 29 -8.30 -26.85 8.01
C HIS C 29 -8.08 -25.43 8.50
N PRO C 30 -7.78 -24.50 7.58
CA PRO C 30 -7.54 -23.11 7.97
C PRO C 30 -8.76 -22.36 8.43
N THR C 31 -8.51 -21.30 9.18
CA THR C 31 -9.59 -20.46 9.63
C THR C 31 -10.28 -19.97 8.35
N PRO C 32 -11.61 -20.01 8.29
CA PRO C 32 -12.28 -19.54 7.08
C PRO C 32 -11.92 -18.10 6.74
N CYS C 33 -12.06 -17.76 5.46
CA CYS C 33 -11.74 -16.43 5.03
C CYS C 33 -12.96 -15.52 4.97
N ILE C 34 -13.05 -14.54 5.86
CA ILE C 34 -14.18 -13.62 5.83
C ILE C 34 -13.93 -12.58 4.73
N HIS C 35 -14.91 -11.70 4.50
CA HIS C 35 -14.75 -10.67 3.48
C HIS C 35 -13.90 -9.54 4.00
N ILE C 36 -12.96 -9.10 3.19
CA ILE C 36 -12.08 -8.02 3.55
C ILE C 36 -12.01 -7.11 2.34
N PRO C 37 -12.26 -5.81 2.55
CA PRO C 37 -12.22 -4.85 1.45
C PRO C 37 -10.83 -4.71 0.85
N GLY C 38 -10.80 -4.24 -0.39
CA GLY C 38 -9.53 -3.99 -1.04
C GLY C 38 -8.62 -5.12 -1.46
N GLU C 39 -9.18 -6.20 -1.98
CA GLU C 39 -8.35 -7.31 -2.43
C GLU C 39 -7.71 -6.92 -3.76
N VAL C 40 -6.42 -7.18 -3.92
CA VAL C 40 -5.76 -6.88 -5.18
C VAL C 40 -5.47 -8.23 -5.84
N ARG C 41 -5.59 -8.29 -7.16
CA ARG C 41 -5.38 -9.54 -7.88
C ARG C 41 -4.14 -9.52 -8.76
N ASN C 42 -3.80 -8.34 -9.28
CA ASN C 42 -2.65 -8.19 -10.18
C ASN C 42 -1.92 -6.87 -9.89
N LEU C 43 -0.59 -6.90 -9.88
CA LEU C 43 0.15 -5.68 -9.61
C LEU C 43 -0.21 -4.57 -10.58
N LEU C 44 -0.63 -4.95 -11.78
CA LEU C 44 -1.00 -3.96 -12.79
C LEU C 44 -2.13 -3.07 -12.30
N GLU C 45 -2.92 -3.58 -11.36
CA GLU C 45 -4.02 -2.82 -10.79
C GLU C 45 -3.46 -1.60 -10.07
N LEU C 46 -2.36 -1.79 -9.35
CA LEU C 46 -1.71 -0.72 -8.61
C LEU C 46 -0.97 0.24 -9.52
N CYS C 47 -0.50 -0.24 -10.66
CA CYS C 47 0.24 0.62 -11.58
C CYS C 47 -0.62 1.70 -12.24
N GLN C 48 -1.95 1.56 -12.16
CA GLN C 48 -2.84 2.53 -12.78
C GLN C 48 -3.29 3.59 -11.79
N VAL C 49 -2.73 3.55 -10.58
CA VAL C 49 -3.05 4.50 -9.54
C VAL C 49 -1.98 5.57 -9.49
N GLU C 50 -2.38 6.82 -9.60
CA GLU C 50 -1.42 7.91 -9.59
C GLU C 50 -0.85 8.17 -8.22
N THR C 51 0.47 8.31 -8.18
CA THR C 51 1.19 8.64 -6.97
C THR C 51 2.03 9.87 -7.32
N ILE C 52 2.47 10.62 -6.32
CA ILE C 52 3.22 11.86 -6.57
C ILE C 52 4.62 11.65 -7.15
N LEU C 53 4.85 12.31 -8.28
CA LEU C 53 6.12 12.26 -9.01
C LEU C 53 7.00 13.41 -8.52
N GLU C 54 8.13 13.10 -7.90
CA GLU C 54 9.01 14.15 -7.40
C GLU C 54 9.82 14.81 -8.52
N VAL C 55 9.15 15.65 -9.32
CA VAL C 55 9.82 16.36 -10.39
C VAL C 55 10.92 17.24 -9.78
N ASN C 56 10.62 17.84 -8.65
CA ASN C 56 11.58 18.70 -8.00
C ASN C 56 12.45 17.90 -7.03
N ASN C 57 13.18 16.94 -7.58
CA ASN C 57 14.06 16.09 -6.77
C ASN C 57 15.43 16.72 -6.53
N VAL C 58 15.47 17.91 -5.95
CA VAL C 58 16.77 18.54 -5.70
C VAL C 58 17.12 18.73 -4.21
N PRO C 59 16.19 19.27 -3.38
CA PRO C 59 16.51 19.45 -1.95
C PRO C 59 16.82 18.07 -1.32
N THR C 60 17.76 18.01 -0.37
CA THR C 60 18.08 16.70 0.25
C THR C 60 18.16 16.65 1.77
N ASN C 61 18.10 17.81 2.43
CA ASN C 61 18.15 17.87 3.89
C ASN C 61 16.77 17.55 4.46
N ALA C 62 16.74 16.76 5.53
CA ALA C 62 15.50 16.32 6.17
C ALA C 62 14.37 17.35 6.19
N THR C 63 14.67 18.56 6.65
CA THR C 63 13.66 19.62 6.75
C THR C 63 13.08 20.13 5.42
N SER C 64 13.70 19.79 4.30
CA SER C 64 13.23 20.26 3.01
C SER C 64 12.71 19.16 2.11
N LEU C 65 12.67 17.94 2.61
CA LEU C 65 12.21 16.80 1.83
C LEU C 65 10.82 16.99 1.21
N MET C 66 9.89 17.53 1.98
CA MET C 66 8.53 17.76 1.48
C MET C 66 8.48 18.66 0.24
N GLU C 67 9.49 19.50 0.08
CA GLU C 67 9.54 20.41 -1.06
C GLU C 67 9.72 19.68 -2.37
N ARG C 68 10.15 18.42 -2.33
CA ARG C 68 10.32 17.66 -3.57
C ARG C 68 8.96 17.26 -4.17
N LEU C 69 7.91 17.29 -3.34
CA LEU C 69 6.59 16.89 -3.82
C LEU C 69 5.91 17.93 -4.72
N ARG C 70 6.51 19.10 -4.85
CA ARG C 70 5.90 20.11 -5.70
C ARG C 70 6.93 21.06 -6.32
N PHE C 71 6.61 21.62 -7.49
CA PHE C 71 7.53 22.57 -8.15
C PHE C 71 6.80 23.88 -8.42
N PRO C 72 7.56 24.98 -8.57
CA PRO C 72 6.86 26.25 -8.81
C PRO C 72 6.72 26.86 -10.19
N VAL C 73 5.77 27.79 -10.25
CA VAL C 73 5.48 28.63 -11.43
C VAL C 73 5.23 30.02 -10.82
N SER C 74 5.54 31.06 -11.59
CA SER C 74 5.34 32.44 -11.13
C SER C 74 5.43 33.38 -12.33
N ALA C 75 5.03 34.63 -12.14
CA ALA C 75 5.06 35.61 -13.23
C ALA C 75 6.45 35.73 -13.86
N GLN C 76 6.51 35.67 -15.20
CA GLN C 76 7.77 35.74 -15.97
C GLN C 76 7.82 36.96 -16.89
N ALA C 77 8.67 36.90 -17.93
CA ALA C 77 8.81 38.00 -18.87
C ALA C 77 8.35 37.69 -20.29
N GLY C 78 7.42 36.76 -20.43
CA GLY C 78 6.88 36.44 -21.75
C GLY C 78 7.82 35.97 -22.85
N LYS C 79 8.90 35.32 -22.46
CA LYS C 79 9.80 34.86 -23.48
C LYS C 79 9.75 33.34 -23.55
N GLY C 80 8.56 32.77 -23.35
CA GLY C 80 8.39 31.32 -23.40
C GLY C 80 9.49 30.59 -22.63
N GLU C 81 9.68 31.01 -21.39
CA GLU C 81 10.71 30.42 -20.55
C GLU C 81 10.45 28.97 -20.14
N LEU C 82 11.53 28.27 -19.82
CA LEU C 82 11.47 26.87 -19.38
C LEU C 82 11.09 26.79 -17.91
N CYS C 83 10.13 25.94 -17.56
CA CYS C 83 9.70 25.79 -16.17
C CYS C 83 10.37 24.58 -15.53
N ALA C 84 10.42 23.45 -16.24
CA ALA C 84 11.06 22.26 -15.68
C ALA C 84 11.19 21.16 -16.72
N VAL C 85 12.07 20.19 -16.46
CA VAL C 85 12.28 19.06 -17.36
C VAL C 85 12.57 17.81 -16.53
N PHE C 86 12.42 16.65 -17.17
CA PHE C 86 12.73 15.36 -16.54
C PHE C 86 12.61 14.26 -17.57
N ARG C 87 13.34 13.17 -17.35
CA ARG C 87 13.29 12.04 -18.26
C ARG C 87 12.00 11.30 -18.04
N ALA C 88 11.45 10.73 -19.11
CA ALA C 88 10.21 9.96 -19.00
C ALA C 88 10.47 8.50 -18.57
N ASP C 89 11.74 8.06 -18.58
CA ASP C 89 12.08 6.68 -18.21
C ASP C 89 11.54 6.37 -16.79
N PRO C 90 10.53 5.50 -16.68
CA PRO C 90 9.94 5.16 -15.38
C PRO C 90 10.77 4.30 -14.47
N GLY C 91 11.59 3.45 -15.05
CA GLY C 91 12.39 2.58 -14.20
C GLY C 91 13.82 3.07 -14.06
N ARG C 92 14.03 4.37 -14.23
CA ARG C 92 15.36 4.95 -14.15
C ARG C 92 15.52 5.83 -12.93
N ASN C 93 16.75 6.02 -12.46
CA ASN C 93 16.95 6.87 -11.30
C ASN C 93 16.53 8.27 -11.69
N GLY C 94 15.74 8.88 -10.81
CA GLY C 94 15.23 10.21 -11.06
C GLY C 94 13.88 10.36 -10.41
N PRO C 95 13.08 11.33 -10.86
CA PRO C 95 11.76 11.59 -10.30
C PRO C 95 10.83 10.38 -10.18
N TRP C 96 10.86 9.47 -11.14
CA TRP C 96 9.91 8.36 -11.06
C TRP C 96 10.08 7.45 -9.87
N GLN C 97 11.23 7.50 -9.22
CA GLN C 97 11.44 6.63 -8.07
C GLN C 97 10.49 6.91 -6.92
N SER C 98 9.91 8.10 -6.92
CA SER C 98 8.99 8.50 -5.85
C SER C 98 7.63 7.87 -6.02
N THR C 99 7.31 7.43 -7.23
CA THR C 99 6.00 6.84 -7.53
C THR C 99 5.92 5.35 -7.26
N LEU C 100 4.71 4.86 -7.01
CA LEU C 100 4.54 3.43 -6.76
C LEU C 100 4.75 2.65 -8.06
N LEU C 101 4.54 3.30 -9.19
CA LEU C 101 4.74 2.67 -10.49
C LEU C 101 6.21 2.40 -10.65
N GLY C 102 7.01 3.42 -10.35
CA GLY C 102 8.45 3.29 -10.46
C GLY C 102 9.01 2.19 -9.59
N GLN C 103 8.52 2.11 -8.36
CA GLN C 103 8.97 1.10 -7.42
C GLN C 103 8.59 -0.32 -7.84
N LEU C 104 7.34 -0.51 -8.30
CA LEU C 104 6.90 -1.84 -8.73
C LEU C 104 7.71 -2.22 -9.96
N CYS C 105 7.95 -1.23 -10.79
CA CYS C 105 8.74 -1.39 -12.00
C CYS C 105 10.10 -2.04 -11.70
N GLY C 106 10.64 -1.73 -10.52
CA GLY C 106 11.92 -2.26 -10.12
C GLY C 106 11.98 -3.77 -9.97
N TYR C 107 10.82 -4.40 -9.79
CA TYR C 107 10.74 -5.85 -9.64
C TYR C 107 10.57 -6.57 -10.99
N TYR C 108 10.73 -5.81 -12.09
CA TYR C 108 10.62 -6.38 -13.44
C TYR C 108 11.69 -5.88 -14.39
N THR C 109 12.21 -6.79 -15.21
CA THR C 109 13.27 -6.43 -16.14
C THR C 109 12.81 -5.63 -17.33
N GLN C 110 11.62 -5.94 -17.83
CA GLN C 110 11.08 -5.27 -19.00
C GLN C 110 9.67 -4.76 -18.79
N TRP C 111 9.34 -3.66 -19.47
CA TRP C 111 8.02 -3.05 -19.38
C TRP C 111 7.59 -2.60 -20.77
N SER C 112 6.30 -2.33 -20.91
CA SER C 112 5.75 -1.87 -22.17
C SER C 112 4.41 -1.20 -21.93
N GLY C 113 4.22 -0.03 -22.52
CA GLY C 113 2.97 0.68 -22.34
C GLY C 113 3.09 2.20 -22.38
N SER C 114 1.94 2.86 -22.34
CA SER C 114 1.92 4.31 -22.36
C SER C 114 1.85 4.77 -20.90
N LEU C 115 2.36 5.96 -20.63
CA LEU C 115 2.35 6.46 -19.25
C LEU C 115 1.52 7.73 -19.28
N GLU C 116 1.16 8.23 -18.10
CA GLU C 116 0.41 9.46 -18.04
C GLU C 116 0.81 10.23 -16.80
N VAL C 117 0.94 11.55 -16.95
CA VAL C 117 1.28 12.39 -15.81
C VAL C 117 0.23 13.46 -15.75
N THR C 118 -0.46 13.55 -14.62
CA THR C 118 -1.49 14.55 -14.45
C THR C 118 -0.94 15.66 -13.55
N PHE C 119 -0.97 16.89 -14.06
CA PHE C 119 -0.46 18.03 -13.32
C PHE C 119 -1.61 18.82 -12.69
N MET C 120 -1.50 19.07 -11.39
CA MET C 120 -2.53 19.80 -10.68
C MET C 120 -1.97 21.14 -10.20
N PHE C 121 -2.63 22.22 -10.58
CA PHE C 121 -2.23 23.57 -10.22
C PHE C 121 -2.86 23.92 -8.88
N THR C 122 -2.04 24.40 -7.94
CA THR C 122 -2.57 24.74 -6.64
C THR C 122 -2.42 26.21 -6.25
N GLY C 123 -2.44 27.09 -7.24
CA GLY C 123 -2.34 28.50 -6.97
C GLY C 123 -3.71 29.00 -6.54
N SER C 124 -3.85 30.31 -6.35
CA SER C 124 -5.14 30.85 -5.94
C SER C 124 -6.12 30.81 -7.10
N PHE C 125 -7.40 30.93 -6.79
CA PHE C 125 -8.45 30.93 -7.80
C PHE C 125 -8.27 32.08 -8.80
N MET C 126 -7.75 33.21 -8.35
CA MET C 126 -7.55 34.36 -9.22
C MET C 126 -6.36 34.25 -10.18
N ALA C 127 -5.55 33.22 -10.04
CA ALA C 127 -4.39 33.03 -10.91
C ALA C 127 -4.75 32.31 -12.21
N THR C 128 -4.25 32.80 -13.33
CA THR C 128 -4.52 32.17 -14.60
C THR C 128 -3.19 31.89 -15.28
N GLY C 129 -3.24 31.23 -16.43
CA GLY C 129 -2.01 30.95 -17.14
C GLY C 129 -2.14 29.81 -18.11
N LYS C 130 -1.24 29.77 -19.09
CA LYS C 130 -1.23 28.70 -20.08
C LYS C 130 0.20 28.13 -20.17
N MET C 131 0.32 26.83 -20.01
CA MET C 131 1.61 26.15 -20.09
C MET C 131 1.62 25.19 -21.28
N LEU C 132 2.81 24.90 -21.81
CA LEU C 132 2.98 23.96 -22.91
C LEU C 132 3.83 22.85 -22.32
N ILE C 133 3.28 21.64 -22.26
CA ILE C 133 3.98 20.47 -21.72
C ILE C 133 4.32 19.55 -22.91
N ALA C 134 5.60 19.28 -23.10
CA ALA C 134 6.01 18.47 -24.25
C ALA C 134 6.73 17.19 -23.93
N TYR C 135 6.49 16.20 -24.80
CA TYR C 135 7.13 14.91 -24.70
C TYR C 135 7.98 14.71 -25.96
N THR C 136 9.29 14.56 -25.76
CA THR C 136 10.22 14.38 -26.87
C THR C 136 10.69 12.92 -26.97
N PRO C 137 10.24 12.21 -28.01
CA PRO C 137 10.62 10.80 -28.24
C PRO C 137 12.12 10.64 -28.34
N PRO C 138 12.62 9.40 -28.24
CA PRO C 138 14.06 9.19 -28.32
C PRO C 138 14.76 9.86 -29.48
N GLY C 139 16.02 10.25 -29.27
CA GLY C 139 16.80 10.87 -30.33
C GLY C 139 16.82 12.38 -30.27
N GLY C 140 15.75 12.94 -29.73
CA GLY C 140 15.68 14.38 -29.62
C GLY C 140 16.36 14.85 -28.35
N PRO C 141 17.36 15.72 -28.47
CA PRO C 141 18.09 16.26 -27.33
C PRO C 141 17.18 17.22 -26.54
N LEU C 142 17.55 17.53 -25.30
CA LEU C 142 16.75 18.45 -24.49
C LEU C 142 16.50 19.74 -25.30
N PRO C 143 15.22 20.06 -25.56
CA PRO C 143 14.85 21.24 -26.34
C PRO C 143 15.46 22.52 -25.80
N LYS C 144 16.16 23.26 -26.66
CA LYS C 144 16.80 24.52 -26.24
C LYS C 144 15.76 25.60 -25.98
N ASP C 145 14.67 25.58 -26.74
CA ASP C 145 13.62 26.57 -26.58
C ASP C 145 12.22 25.96 -26.72
N ARG C 146 11.20 26.77 -26.48
CA ARG C 146 9.83 26.29 -26.58
C ARG C 146 9.49 25.92 -28.02
N ALA C 147 10.08 26.63 -28.97
CA ALA C 147 9.82 26.38 -30.40
C ALA C 147 10.25 24.99 -30.84
N THR C 148 11.29 24.47 -30.20
CA THR C 148 11.82 23.17 -30.53
C THR C 148 11.03 22.06 -29.85
N ALA C 149 10.65 22.30 -28.61
CA ALA C 149 9.91 21.32 -27.82
C ALA C 149 8.54 21.11 -28.44
N MET C 150 7.99 22.19 -28.95
CA MET C 150 6.67 22.23 -29.58
C MET C 150 6.53 21.28 -30.78
N LEU C 151 7.66 20.87 -31.35
CA LEU C 151 7.66 19.98 -32.50
C LEU C 151 7.32 18.51 -32.19
N GLY C 152 7.32 18.17 -30.90
CA GLY C 152 7.02 16.81 -30.50
C GLY C 152 5.62 16.68 -29.94
N THR C 153 5.35 15.62 -29.19
CA THR C 153 4.02 15.41 -28.64
C THR C 153 3.80 16.39 -27.49
N HIS C 154 2.68 17.10 -27.52
CA HIS C 154 2.44 18.05 -26.46
C HIS C 154 0.99 18.39 -26.20
N VAL C 155 0.81 19.06 -25.07
CA VAL C 155 -0.50 19.52 -24.60
C VAL C 155 -0.37 20.97 -24.18
N ILE C 156 -1.37 21.78 -24.51
CA ILE C 156 -1.33 23.16 -24.08
C ILE C 156 -2.40 23.26 -23.00
N TRP C 157 -1.92 23.51 -21.79
CA TRP C 157 -2.73 23.59 -20.58
C TRP C 157 -3.19 24.99 -20.20
N ASP C 158 -4.50 25.12 -19.99
CA ASP C 158 -5.10 26.40 -19.61
C ASP C 158 -5.65 26.30 -18.20
N PHE C 159 -5.13 27.10 -17.28
CA PHE C 159 -5.61 27.09 -15.91
C PHE C 159 -7.07 27.54 -15.87
N GLY C 160 -7.85 26.94 -15.00
CA GLY C 160 -9.26 27.27 -14.87
C GLY C 160 -9.90 26.43 -13.78
N LEU C 161 -11.22 26.24 -13.85
CA LEU C 161 -11.96 25.45 -12.85
C LEU C 161 -11.40 24.04 -12.73
N GLN C 162 -11.04 23.46 -13.86
CA GLN C 162 -10.45 22.13 -13.84
C GLN C 162 -9.02 22.41 -13.45
N SER C 163 -8.66 22.01 -12.24
CA SER C 163 -7.32 22.27 -11.74
C SER C 163 -6.24 21.48 -12.45
N SER C 164 -6.59 20.34 -13.02
CA SER C 164 -5.56 19.52 -13.62
C SER C 164 -5.62 19.23 -15.11
N VAL C 165 -4.48 18.80 -15.66
CA VAL C 165 -4.36 18.42 -17.07
C VAL C 165 -3.53 17.15 -17.16
N THR C 166 -3.79 16.33 -18.17
CA THR C 166 -3.04 15.10 -18.32
C THR C 166 -2.22 15.08 -19.58
N LEU C 167 -0.94 14.75 -19.41
CA LEU C 167 -0.02 14.62 -20.52
C LEU C 167 0.09 13.13 -20.68
N VAL C 168 -0.21 12.62 -21.86
CA VAL C 168 -0.07 11.19 -22.06
C VAL C 168 1.28 11.01 -22.74
N ILE C 169 2.11 10.11 -22.21
CA ILE C 169 3.40 9.83 -22.83
C ILE C 169 3.13 8.52 -23.58
N PRO C 170 2.68 8.62 -24.83
CA PRO C 170 2.36 7.42 -25.61
C PRO C 170 3.52 6.49 -25.85
N TRP C 171 3.20 5.21 -25.99
CA TRP C 171 4.23 4.25 -26.23
C TRP C 171 4.74 4.41 -27.66
N ILE C 172 5.96 4.90 -27.77
CA ILE C 172 6.62 5.11 -29.05
C ILE C 172 7.99 4.49 -28.87
N SER C 173 8.11 3.23 -29.23
CA SER C 173 9.36 2.50 -29.06
C SER C 173 9.64 1.69 -30.31
N ASN C 174 10.88 1.29 -30.50
CA ASN C 174 11.21 0.48 -31.66
C ASN C 174 10.96 -0.98 -31.31
N THR C 175 11.16 -1.33 -30.04
CA THR C 175 10.96 -2.68 -29.54
C THR C 175 9.63 -2.81 -28.81
N HIS C 176 9.09 -4.03 -28.75
CA HIS C 176 7.82 -4.25 -28.07
C HIS C 176 7.89 -3.98 -26.57
N TYR C 177 9.07 -4.20 -26.01
CA TYR C 177 9.30 -3.97 -24.58
C TYR C 177 10.62 -3.21 -24.44
N ARG C 178 10.78 -2.50 -23.33
CA ARG C 178 12.00 -1.79 -23.04
C ARG C 178 12.51 -2.36 -21.74
N ALA C 179 13.82 -2.43 -21.60
CA ALA C 179 14.42 -2.88 -20.34
C ALA C 179 14.65 -1.56 -19.60
N HIS C 180 15.05 -1.61 -18.33
CA HIS C 180 15.27 -0.37 -17.60
C HIS C 180 16.42 0.41 -18.23
N ALA C 181 16.19 1.67 -18.50
CA ALA C 181 17.23 2.48 -19.10
C ALA C 181 18.19 3.09 -18.10
N ARG C 182 19.43 3.24 -18.52
CA ARG C 182 20.45 3.86 -17.70
C ARG C 182 21.55 4.35 -18.63
N ASP C 183 22.49 5.12 -18.09
CA ASP C 183 23.58 5.66 -18.89
C ASP C 183 24.37 4.53 -19.48
N GLY C 184 24.81 4.69 -20.72
CA GLY C 184 25.57 3.63 -21.36
C GLY C 184 24.78 3.04 -22.52
N VAL C 185 25.07 1.80 -22.89
CA VAL C 185 24.37 1.21 -24.02
C VAL C 185 22.90 1.01 -23.74
N PHE C 186 22.52 0.86 -22.48
CA PHE C 186 21.10 0.68 -22.19
C PHE C 186 20.24 1.91 -22.39
N ASP C 187 20.85 3.02 -22.81
CA ASP C 187 20.10 4.24 -23.11
C ASP C 187 19.28 3.95 -24.37
N TYR C 188 19.57 2.81 -25.00
CA TYR C 188 18.87 2.34 -26.19
C TYR C 188 17.38 2.28 -25.87
N TYR C 189 17.08 1.98 -24.61
CA TYR C 189 15.71 1.86 -24.11
C TYR C 189 15.13 3.13 -23.47
N THR C 190 15.77 4.28 -23.66
CA THR C 190 15.19 5.45 -23.02
C THR C 190 13.86 5.79 -23.66
N THR C 191 12.97 6.34 -22.85
CA THR C 191 11.63 6.72 -23.29
C THR C 191 11.61 8.11 -23.89
N GLY C 192 12.46 9.00 -23.35
CA GLY C 192 12.49 10.36 -23.88
C GLY C 192 12.46 11.43 -22.80
N LEU C 193 12.13 12.66 -23.20
CA LEU C 193 12.10 13.75 -22.26
C LEU C 193 10.76 14.45 -22.17
N VAL C 194 10.52 15.09 -21.03
CA VAL C 194 9.31 15.85 -20.80
C VAL C 194 9.78 17.23 -20.36
N SER C 195 9.25 18.27 -20.98
CA SER C 195 9.64 19.63 -20.62
C SER C 195 8.41 20.51 -20.49
N ILE C 196 8.43 21.40 -19.52
CA ILE C 196 7.31 22.27 -19.26
C ILE C 196 7.72 23.69 -19.55
N TRP C 197 6.95 24.36 -20.40
CA TRP C 197 7.23 25.74 -20.79
C TRP C 197 6.07 26.70 -20.53
N TYR C 198 6.38 27.99 -20.47
CA TYR C 198 5.33 28.99 -20.27
C TYR C 198 4.82 29.29 -21.66
N GLN C 199 3.53 29.06 -21.89
CA GLN C 199 2.92 29.31 -23.19
C GLN C 199 2.60 30.81 -23.28
N THR C 200 2.05 31.34 -22.21
CA THR C 200 1.77 32.76 -22.14
C THR C 200 2.51 33.22 -20.89
N ASN C 201 1.79 33.35 -19.78
CA ASN C 201 2.42 33.76 -18.52
C ASN C 201 1.50 33.49 -17.35
N TYR C 202 2.09 33.38 -16.16
CA TYR C 202 1.32 33.19 -14.92
C TYR C 202 0.85 34.61 -14.62
N VAL C 203 -0.45 34.84 -14.63
CA VAL C 203 -0.98 36.18 -14.37
C VAL C 203 -1.85 36.17 -13.14
N VAL C 204 -1.77 37.25 -12.37
CA VAL C 204 -2.51 37.33 -11.12
C VAL C 204 -2.83 38.80 -10.80
N PRO C 205 -3.95 39.07 -10.10
CA PRO C 205 -4.25 40.48 -9.81
C PRO C 205 -3.61 40.92 -8.51
N ILE C 206 -3.82 42.18 -8.17
CA ILE C 206 -3.30 42.71 -6.94
C ILE C 206 -3.90 41.88 -5.82
N GLY C 207 -3.10 41.50 -4.83
CA GLY C 207 -3.65 40.74 -3.73
C GLY C 207 -3.44 39.25 -3.70
N ALA C 208 -2.99 38.65 -4.79
CA ALA C 208 -2.76 37.21 -4.79
C ALA C 208 -1.28 36.89 -4.90
N PRO C 209 -0.87 35.78 -4.30
CA PRO C 209 0.54 35.34 -4.31
C PRO C 209 1.18 35.31 -5.71
N ASN C 210 2.43 35.71 -5.80
CA ASN C 210 3.15 35.74 -7.09
C ASN C 210 3.80 34.43 -7.44
N THR C 211 3.68 33.48 -6.54
CA THR C 211 4.25 32.17 -6.73
C THR C 211 3.29 31.12 -6.22
N ALA C 212 3.12 30.07 -7.01
CA ALA C 212 2.25 28.97 -6.66
C ALA C 212 2.95 27.69 -7.08
N TYR C 213 2.45 26.55 -6.63
CA TYR C 213 3.07 25.28 -6.98
C TYR C 213 2.17 24.35 -7.78
N ILE C 214 2.80 23.39 -8.43
CA ILE C 214 2.12 22.39 -9.23
C ILE C 214 2.53 21.03 -8.66
N ILE C 215 1.57 20.14 -8.51
CA ILE C 215 1.87 18.80 -8.00
C ILE C 215 1.70 17.85 -9.19
N ALA C 216 2.65 16.94 -9.38
CA ALA C 216 2.56 16.00 -10.49
C ALA C 216 2.22 14.60 -10.00
N LEU C 217 1.22 13.98 -10.63
CA LEU C 217 0.78 12.64 -10.28
C LEU C 217 0.99 11.76 -11.50
N ALA C 218 1.58 10.58 -11.31
CA ALA C 218 1.83 9.70 -12.45
C ALA C 218 1.39 8.26 -12.26
N ALA C 219 1.08 7.61 -13.38
CA ALA C 219 0.65 6.23 -13.39
C ALA C 219 0.74 5.70 -14.79
N ALA C 220 0.40 4.41 -14.96
CA ALA C 220 0.45 3.82 -16.28
C ALA C 220 -0.94 3.74 -16.92
N GLN C 221 -0.93 3.72 -18.25
CA GLN C 221 -2.12 3.62 -19.10
C GLN C 221 -2.60 2.14 -19.04
N LYS C 222 -3.76 1.82 -19.61
CA LYS C 222 -4.25 0.44 -19.55
C LYS C 222 -3.55 -0.59 -20.46
N ASN C 223 -2.60 -0.15 -21.29
CA ASN C 223 -1.91 -1.07 -22.19
C ASN C 223 -0.53 -1.43 -21.65
N PHE C 224 -0.28 -1.00 -20.42
CA PHE C 224 0.98 -1.23 -19.75
C PHE C 224 1.08 -2.62 -19.11
N THR C 225 2.17 -3.32 -19.38
CA THR C 225 2.40 -4.63 -18.78
C THR C 225 3.89 -4.75 -18.47
N MET C 226 4.26 -5.73 -17.65
CA MET C 226 5.66 -5.93 -17.30
C MET C 226 6.02 -7.40 -17.40
N LYS C 227 7.29 -7.70 -17.69
CA LYS C 227 7.71 -9.10 -17.74
C LYS C 227 9.13 -9.31 -17.22
N LEU C 228 9.46 -10.58 -16.99
CA LEU C 228 10.75 -11.00 -16.47
C LEU C 228 11.00 -10.48 -15.07
N CYS C 229 10.38 -11.16 -14.12
CA CYS C 229 10.46 -10.85 -12.72
C CYS C 229 11.90 -10.83 -12.18
N LYS C 230 12.27 -9.77 -11.48
CA LYS C 230 13.62 -9.67 -10.92
C LYS C 230 13.63 -8.96 -9.57
N ASP C 231 14.78 -8.97 -8.91
CA ASP C 231 14.89 -8.29 -7.62
C ASP C 231 15.10 -6.81 -7.85
N ALA C 232 14.57 -6.00 -6.94
CA ALA C 232 14.70 -4.54 -7.03
C ALA C 232 16.16 -4.16 -6.82
N SER C 233 16.51 -2.99 -7.33
CA SER C 233 17.88 -2.52 -7.21
C SER C 233 18.28 -2.19 -5.77
N ASP C 234 17.32 -1.94 -4.90
CA ASP C 234 17.64 -1.63 -3.50
C ASP C 234 17.46 -2.78 -2.54
N ILE C 235 18.21 -2.72 -1.45
CA ILE C 235 18.08 -3.69 -0.38
C ILE C 235 18.12 -2.81 0.87
N LEU C 236 16.96 -2.61 1.48
CA LEU C 236 16.86 -1.73 2.62
C LEU C 236 17.31 -2.25 3.97
N GLN C 237 18.57 -2.64 4.06
CA GLN C 237 19.12 -3.10 5.32
C GLN C 237 20.62 -2.95 5.25
N THR C 238 21.22 -2.52 6.36
CA THR C 238 22.65 -2.32 6.43
C THR C 238 23.37 -3.49 7.06
N GLY C 239 22.92 -3.84 8.26
CA GLY C 239 23.51 -4.96 8.95
C GLY C 239 22.37 -5.92 9.15
N THR C 240 22.42 -6.72 10.22
CA THR C 240 21.34 -7.65 10.45
C THR C 240 20.20 -6.88 11.11
N ILE C 241 18.98 -7.22 10.73
CA ILE C 241 17.79 -6.59 11.27
C ILE C 241 17.45 -7.35 12.55
N GLN C 242 17.56 -6.68 13.70
CA GLN C 242 17.30 -7.38 14.95
C GLN C 242 15.92 -7.26 15.56
N SER D 12 -8.90 -36.68 -7.71
CA SER D 12 -8.38 -36.80 -6.32
C SER D 12 -9.43 -36.32 -5.29
N HIS D 13 -9.81 -37.21 -4.37
CA HIS D 13 -10.76 -36.86 -3.32
C HIS D 13 -9.97 -36.55 -2.05
N GLU D 14 -9.52 -35.30 -1.97
CA GLU D 14 -8.71 -34.80 -0.87
C GLU D 14 -9.46 -33.86 0.10
N ASN D 15 -8.71 -33.23 1.01
CA ASN D 15 -9.27 -32.27 1.97
C ASN D 15 -9.26 -30.90 1.28
N SER D 16 -10.13 -29.99 1.71
CA SER D 16 -10.15 -28.65 1.14
C SER D 16 -9.49 -27.68 2.12
N ASN D 17 -8.16 -27.81 2.26
CA ASN D 17 -7.39 -26.98 3.17
C ASN D 17 -6.38 -26.01 2.55
N SER D 18 -6.70 -25.51 1.36
CA SER D 18 -5.84 -24.56 0.68
C SER D 18 -6.22 -23.16 1.17
N ALA D 19 -5.28 -22.23 1.05
CA ALA D 19 -5.52 -20.85 1.47
C ALA D 19 -6.52 -20.15 0.54
N THR D 20 -6.71 -20.71 -0.64
CA THR D 20 -7.61 -20.14 -1.65
C THR D 20 -8.89 -20.93 -1.93
N GLU D 21 -9.28 -21.80 -1.00
CA GLU D 21 -10.51 -22.56 -1.20
C GLU D 21 -11.65 -21.54 -1.08
N GLY D 22 -12.44 -21.37 -2.13
CA GLY D 22 -13.53 -20.40 -2.10
C GLY D 22 -13.08 -19.01 -2.51
N SER D 23 -12.30 -18.95 -3.59
CA SER D 23 -11.74 -17.72 -4.12
C SER D 23 -12.49 -17.31 -5.41
N THR D 24 -12.42 -16.02 -5.75
CA THR D 24 -13.08 -15.52 -6.96
C THR D 24 -12.20 -15.75 -8.19
N ILE D 25 -11.19 -16.59 -8.03
CA ILE D 25 -10.25 -16.95 -9.08
C ILE D 25 -9.90 -18.44 -8.97
N ASN D 26 -10.22 -19.21 -10.01
CA ASN D 26 -9.94 -20.66 -10.01
C ASN D 26 -8.51 -20.99 -10.46
N TYR D 27 -7.90 -21.97 -9.79
CA TYR D 27 -6.54 -22.40 -10.08
C TYR D 27 -6.46 -23.79 -10.70
N THR D 28 -5.39 -24.03 -11.47
CA THR D 28 -5.13 -25.32 -12.09
C THR D 28 -3.84 -25.86 -11.48
N THR D 29 -3.98 -26.75 -10.50
CA THR D 29 -2.84 -27.28 -9.74
C THR D 29 -2.61 -28.80 -9.78
N ILE D 30 -1.42 -29.20 -9.33
CA ILE D 30 -1.02 -30.60 -9.27
C ILE D 30 -0.80 -30.90 -7.78
N ASN D 31 -1.06 -32.14 -7.36
CA ASN D 31 -0.90 -32.54 -5.95
C ASN D 31 -0.89 -34.06 -5.85
N TYR D 32 -0.16 -34.60 -4.88
CA TYR D 32 -0.09 -36.06 -4.71
C TYR D 32 -0.45 -36.43 -3.25
N TYR D 33 -0.91 -35.45 -2.49
CA TYR D 33 -1.22 -35.68 -1.09
C TYR D 33 -2.70 -35.43 -0.78
N LYS D 34 -3.17 -35.92 0.37
CA LYS D 34 -4.57 -35.75 0.73
C LYS D 34 -4.90 -34.33 1.19
N ASP D 35 -3.88 -33.50 1.42
CA ASP D 35 -4.11 -32.12 1.83
C ASP D 35 -3.84 -31.16 0.66
N SER D 36 -4.85 -30.40 0.24
CA SER D 36 -4.70 -29.51 -0.90
C SER D 36 -3.69 -28.38 -0.79
N TYR D 37 -3.32 -27.97 0.42
CA TYR D 37 -2.35 -26.89 0.52
C TYR D 37 -0.97 -27.37 0.07
N ALA D 38 -0.81 -28.67 -0.07
CA ALA D 38 0.47 -29.25 -0.50
C ALA D 38 0.62 -29.08 -2.01
N ALA D 39 -0.47 -28.72 -2.67
CA ALA D 39 -0.48 -28.55 -4.11
C ALA D 39 0.43 -27.43 -4.63
N THR D 40 0.66 -27.43 -5.93
CA THR D 40 1.49 -26.43 -6.60
C THR D 40 0.75 -25.09 -6.64
N ALA D 41 1.44 -24.03 -7.04
CA ALA D 41 0.81 -22.71 -7.13
C ALA D 41 -0.12 -22.64 -8.35
N GLY D 42 0.23 -23.42 -9.37
CA GLY D 42 -0.54 -23.49 -10.60
C GLY D 42 -0.62 -22.19 -11.35
N LYS D 43 -1.76 -21.95 -11.99
CA LYS D 43 -1.99 -20.72 -12.74
C LYS D 43 -3.18 -20.02 -12.07
N GLN D 44 -3.12 -18.69 -11.94
CA GLN D 44 -4.22 -17.92 -11.33
C GLN D 44 -5.10 -17.33 -12.43
N SER D 45 -6.28 -16.85 -12.07
CA SER D 45 -7.16 -16.26 -13.07
C SER D 45 -6.72 -14.84 -13.33
N LEU D 46 -6.79 -14.44 -14.59
CA LEU D 46 -6.36 -13.10 -14.99
C LEU D 46 -7.43 -12.01 -14.96
N LYS D 47 -8.16 -11.91 -13.85
CA LYS D 47 -9.17 -10.88 -13.70
C LYS D 47 -8.48 -9.69 -12.99
N GLN D 48 -8.96 -8.48 -13.29
CA GLN D 48 -8.39 -7.27 -12.70
C GLN D 48 -9.50 -6.27 -12.38
N ASP D 49 -9.28 -5.44 -11.37
CA ASP D 49 -10.26 -4.42 -11.03
C ASP D 49 -9.55 -3.18 -10.56
N PRO D 50 -8.97 -2.42 -11.50
CA PRO D 50 -8.24 -1.19 -11.18
C PRO D 50 -9.12 -0.14 -10.51
N ASP D 51 -10.37 -0.04 -10.94
CA ASP D 51 -11.28 0.96 -10.40
C ASP D 51 -11.40 0.99 -8.89
N LYS D 52 -11.30 -0.18 -8.27
CA LYS D 52 -11.36 -0.32 -6.82
C LYS D 52 -10.36 0.66 -6.18
N PHE D 53 -9.25 0.93 -6.87
CA PHE D 53 -8.22 1.81 -6.36
C PHE D 53 -8.06 3.11 -7.13
N ALA D 54 -8.16 3.03 -8.46
CA ALA D 54 -7.96 4.20 -9.30
C ALA D 54 -9.19 5.04 -9.52
N ASN D 55 -10.36 4.51 -9.21
CA ASN D 55 -11.58 5.31 -9.42
C ASN D 55 -12.71 4.92 -8.47
N PRO D 56 -12.48 5.05 -7.16
CA PRO D 56 -13.54 4.69 -6.20
C PRO D 56 -14.50 5.84 -5.91
N VAL D 57 -15.00 6.49 -6.97
CA VAL D 57 -15.92 7.61 -6.79
C VAL D 57 -17.37 7.12 -6.76
N LYS D 58 -18.20 7.80 -5.98
CA LYS D 58 -19.61 7.45 -5.86
C LYS D 58 -20.33 7.70 -7.17
N ASP D 59 -20.26 8.95 -7.65
CA ASP D 59 -20.90 9.38 -8.91
C ASP D 59 -19.86 9.44 -10.02
N ILE D 60 -19.72 8.36 -10.79
CA ILE D 60 -18.74 8.28 -11.88
C ILE D 60 -18.85 9.38 -12.98
N PHE D 61 -17.72 10.03 -13.30
CA PHE D 61 -17.67 11.09 -14.31
C PHE D 61 -17.00 10.64 -15.62
N THR D 62 -17.62 10.97 -16.75
CA THR D 62 -17.11 10.59 -18.08
C THR D 62 -15.77 11.22 -18.43
N GLU D 63 -15.12 10.70 -19.48
CA GLU D 63 -13.82 11.20 -19.95
C GLU D 63 -13.95 12.58 -20.62
N MET D 64 -14.86 12.64 -21.60
CA MET D 64 -15.13 13.84 -22.38
C MET D 64 -15.56 15.06 -21.54
N ALA D 65 -16.37 14.82 -20.52
CA ALA D 65 -16.87 15.90 -19.67
C ALA D 65 -15.84 16.57 -18.78
N ALA D 66 -16.29 17.63 -18.11
CA ALA D 66 -15.46 18.37 -17.19
C ALA D 66 -15.79 17.77 -15.83
N PRO D 67 -14.83 17.06 -15.20
CA PRO D 67 -14.95 16.39 -13.89
C PRO D 67 -15.73 17.14 -12.78
N LEU D 68 -15.71 18.47 -12.82
CA LEU D 68 -16.42 19.31 -11.85
C LEU D 68 -17.38 20.25 -12.55
N LYS D 69 -18.66 19.90 -12.59
CA LYS D 69 -19.65 20.75 -13.23
C LYS D 69 -20.90 20.82 -12.34
#